data_1XA8
#
_entry.id   1XA8
#
_cell.length_a   53.910
_cell.length_b   120.620
_cell.length_c   97.140
_cell.angle_alpha   90.00
_cell.angle_beta   97.68
_cell.angle_gamma   90.00
#
_symmetry.space_group_name_H-M   'P 1 21 1'
#
loop_
_entity.id
_entity.type
_entity.pdbx_description
1 polymer 'Glutathione-dependent formaldehyde-activating enzyme'
2 non-polymer 'ZINC ION'
3 non-polymer 'SULFATE ION'
4 non-polymer GLUTATHIONE
5 non-polymer GLYCEROL
6 water water
#
_entity_poly.entity_id   1
_entity_poly.type   'polypeptide(L)'
_entity_poly.pdbx_seq_one_letter_code
;GHMVDTSGVKIHPAVDNGIKPAQPGFAGGTLHCKCSTNPVRVAVRAQTAHNHVCGCTKCWKPEGAIFSQVAVVGRDALEV
LEGAEKLEIVNAEAPIQRHRCRDCGVHMYGRIENRDHPFYGLDFVHTELSDEDGWSAPEFAAFVSSIIESGVDPSRMEAI
RARLRELGLEPYDALSPPLMDAIATHIAKRSGALAA
;
_entity_poly.pdbx_strand_id   A,B,C,D
#
# COMPACT_ATOMS: atom_id res chain seq x y z
N GLY A 1 -0.48 9.47 19.24
CA GLY A 1 0.92 9.96 18.78
C GLY A 1 1.91 8.98 18.07
N HIS A 2 1.44 8.32 16.98
CA HIS A 2 1.85 6.99 16.43
C HIS A 2 1.11 6.82 15.06
N MET A 3 1.74 6.13 14.11
CA MET A 3 1.12 5.85 12.81
C MET A 3 0.53 4.44 12.66
N VAL A 4 1.15 3.45 13.32
CA VAL A 4 0.69 2.04 13.25
C VAL A 4 0.32 1.55 14.63
N ASP A 5 -0.83 0.88 14.70
CA ASP A 5 -1.38 0.36 15.96
C ASP A 5 -0.77 -0.97 16.32
N THR A 6 -0.11 -0.90 17.43
CA THR A 6 0.82 -1.90 17.90
C THR A 6 0.26 -2.61 19.16
N SER A 7 -0.92 -2.20 19.64
CA SER A 7 -1.57 -2.80 20.84
C SER A 7 -1.74 -4.30 20.68
N GLY A 8 -1.55 -5.05 21.76
CA GLY A 8 -1.66 -6.50 21.74
C GLY A 8 -0.65 -7.39 20.99
N VAL A 9 0.32 -6.80 20.28
CA VAL A 9 1.40 -7.52 19.58
C VAL A 9 2.50 -7.99 20.58
N LYS A 10 2.61 -9.31 20.69
CA LYS A 10 3.60 -10.03 21.45
C LYS A 10 4.65 -10.58 20.44
N ILE A 11 5.90 -10.65 20.89
CA ILE A 11 7.09 -11.00 20.08
C ILE A 11 7.76 -12.21 20.74
N HIS A 12 8.26 -12.00 21.94
CA HIS A 12 8.84 -13.06 22.75
C HIS A 12 8.75 -12.51 24.22
N PRO A 13 8.46 -13.36 25.20
CA PRO A 13 8.31 -12.91 26.61
C PRO A 13 9.51 -12.17 27.20
N ALA A 14 10.71 -12.38 26.66
CA ALA A 14 11.93 -11.71 27.07
C ALA A 14 12.09 -10.29 26.54
N VAL A 15 11.29 -9.92 25.54
CA VAL A 15 11.25 -8.53 25.06
C VAL A 15 9.89 -7.83 25.27
N ASP A 16 8.85 -8.60 25.63
CA ASP A 16 7.49 -8.02 25.67
C ASP A 16 7.35 -7.00 26.78
N ASN A 17 7.82 -7.37 27.98
CA ASN A 17 7.78 -6.53 29.18
C ASN A 17 9.16 -6.13 29.81
N GLY A 18 9.96 -5.40 29.05
CA GLY A 18 11.28 -5.02 29.48
C GLY A 18 12.30 -5.90 28.77
N ILE A 19 13.36 -5.28 28.26
CA ILE A 19 14.58 -6.00 27.81
C ILE A 19 15.70 -5.84 28.88
N LYS A 20 16.29 -6.92 29.35
CA LYS A 20 17.38 -6.83 30.33
C LYS A 20 18.73 -6.52 29.64
N PRO A 21 19.46 -5.51 30.15
CA PRO A 21 20.80 -5.29 29.63
C PRO A 21 21.85 -6.34 30.09
N ALA A 22 22.90 -6.44 29.28
CA ALA A 22 24.14 -7.06 29.68
C ALA A 22 24.60 -6.40 30.92
N GLN A 23 25.41 -7.08 31.77
CA GLN A 23 26.15 -6.42 32.87
C GLN A 23 27.71 -6.53 32.72
N PRO A 24 28.52 -5.59 33.33
CA PRO A 24 30.00 -5.65 33.08
C PRO A 24 30.68 -6.90 33.68
N GLY A 25 31.59 -7.50 32.94
CA GLY A 25 32.26 -8.65 33.52
C GLY A 25 31.35 -9.88 33.72
N PHE A 26 30.26 -9.96 32.95
CA PHE A 26 29.38 -11.14 33.00
C PHE A 26 30.17 -12.22 32.31
N ALA A 27 30.32 -13.35 32.96
CA ALA A 27 31.23 -14.36 32.44
C ALA A 27 30.52 -15.64 32.09
N GLY A 28 29.20 -15.64 32.05
CA GLY A 28 28.53 -16.91 31.69
C GLY A 28 27.57 -17.47 32.73
N GLY A 29 27.15 -18.72 32.55
CA GLY A 29 26.16 -19.30 33.43
C GLY A 29 25.72 -20.66 32.95
N THR A 30 24.56 -21.10 33.47
CA THR A 30 23.94 -22.39 33.19
C THR A 30 22.55 -22.27 32.54
N LEU A 31 22.33 -23.07 31.47
CA LEU A 31 21.02 -23.25 30.83
C LEU A 31 20.37 -24.58 31.26
N HIS A 32 19.07 -24.57 31.51
CA HIS A 32 18.34 -25.78 31.85
C HIS A 32 17.03 -25.95 31.06
N CYS A 33 16.67 -27.19 30.75
CA CYS A 33 15.43 -27.45 30.06
C CYS A 33 14.26 -27.37 31.05
N LYS A 34 13.05 -27.60 30.58
CA LYS A 34 11.85 -27.45 31.36
C LYS A 34 11.27 -28.69 32.12
N CYS A 35 11.99 -29.79 32.19
CA CYS A 35 11.55 -30.95 32.93
C CYS A 35 11.56 -30.71 34.45
N SER A 36 10.44 -31.05 35.08
CA SER A 36 10.22 -30.84 36.52
C SER A 36 11.25 -31.55 37.41
N THR A 37 11.84 -32.65 36.92
CA THR A 37 12.93 -33.32 37.63
C THR A 37 13.89 -33.98 36.65
N ASN A 38 15.15 -34.09 37.08
CA ASN A 38 16.29 -34.44 36.21
C ASN A 38 16.50 -33.65 34.88
N PRO A 39 16.46 -32.31 34.89
CA PRO A 39 16.47 -31.58 33.61
C PRO A 39 17.86 -31.62 32.91
N VAL A 40 17.92 -31.59 31.57
CA VAL A 40 19.20 -31.25 30.97
C VAL A 40 19.73 -29.94 31.58
N ARG A 41 21.05 -29.89 31.82
CA ARG A 41 21.74 -28.69 32.32
C ARG A 41 23.00 -28.48 31.46
N VAL A 42 23.22 -27.25 31.00
CA VAL A 42 24.42 -26.97 30.21
C VAL A 42 25.11 -25.66 30.58
N ALA A 43 26.41 -25.75 30.80
CA ALA A 43 27.28 -24.64 31.15
C ALA A 43 27.60 -23.91 29.89
N VAL A 44 27.47 -22.58 29.98
CA VAL A 44 27.97 -21.65 28.95
C VAL A 44 28.91 -20.67 29.67
N ARG A 45 30.21 -20.95 29.57
CA ARG A 45 31.22 -20.31 30.45
C ARG A 45 31.86 -19.07 29.81
N ALA A 46 31.11 -18.43 28.92
CA ALA A 46 31.43 -17.09 28.39
C ALA A 46 30.15 -16.28 28.20
N GLN A 47 30.35 -14.99 28.01
CA GLN A 47 29.31 -14.09 27.60
C GLN A 47 29.02 -14.34 26.09
N THR A 48 27.79 -14.13 25.68
CA THR A 48 27.36 -14.49 24.35
C THR A 48 27.48 -13.25 23.52
N ALA A 49 27.24 -13.38 22.21
CA ALA A 49 27.31 -12.29 21.26
C ALA A 49 26.17 -12.53 20.27
N HIS A 50 25.81 -11.47 19.55
CA HIS A 50 24.83 -11.51 18.47
C HIS A 50 23.49 -12.10 18.83
N ASN A 51 23.00 -11.69 20.01
CA ASN A 51 21.70 -12.08 20.50
C ASN A 51 20.65 -11.32 19.66
N HIS A 52 19.54 -12.00 19.36
CA HIS A 52 18.56 -11.50 18.45
C HIS A 52 17.32 -12.35 18.63
N VAL A 53 16.20 -11.85 18.10
CA VAL A 53 14.94 -12.58 17.94
C VAL A 53 14.85 -13.08 16.46
N CYS A 54 14.33 -14.28 16.24
CA CYS A 54 14.37 -14.95 14.94
C CYS A 54 13.01 -15.59 14.65
N GLY A 55 12.54 -15.40 13.40
CA GLY A 55 11.28 -15.99 12.90
C GLY A 55 11.38 -17.35 12.19
N CYS A 56 12.57 -17.76 11.83
CA CYS A 56 12.82 -19.08 11.28
C CYS A 56 12.00 -20.17 11.94
N THR A 57 11.39 -21.00 11.09
CA THR A 57 10.60 -22.18 11.48
C THR A 57 11.33 -23.22 12.32
N LYS A 58 12.63 -23.32 12.11
CA LYS A 58 13.53 -24.28 12.80
C LYS A 58 14.07 -23.89 14.19
N CYS A 59 13.89 -22.63 14.59
CA CYS A 59 14.26 -22.14 15.92
C CYS A 59 13.29 -22.46 17.08
N TRP A 60 13.82 -22.92 18.24
CA TRP A 60 12.95 -23.18 19.39
C TRP A 60 12.35 -21.89 19.90
N LYS A 61 11.08 -21.95 20.35
CA LYS A 61 10.30 -20.80 20.86
C LYS A 61 9.46 -21.22 22.05
N PRO A 62 9.40 -20.41 23.14
CA PRO A 62 8.51 -20.85 24.24
C PRO A 62 7.07 -20.88 23.80
N GLU A 63 6.27 -21.73 24.47
CA GLU A 63 4.86 -21.92 24.13
C GLU A 63 4.14 -20.59 24.10
N GLY A 64 3.42 -20.35 22.99
CA GLY A 64 2.81 -19.06 22.71
C GLY A 64 3.67 -18.04 21.94
N ALA A 65 5.00 -18.22 21.84
CA ALA A 65 5.84 -17.14 21.25
C ALA A 65 5.96 -17.27 19.70
N ILE A 66 5.97 -16.11 19.05
CA ILE A 66 5.95 -15.98 17.60
C ILE A 66 7.41 -15.87 17.10
N PHE A 67 8.33 -15.45 18.00
CA PHE A 67 9.79 -15.31 17.71
C PHE A 67 10.59 -16.15 18.70
N SER A 68 11.76 -16.53 18.24
CA SER A 68 12.75 -17.18 19.05
C SER A 68 13.64 -16.08 19.58
N GLN A 69 14.30 -16.34 20.72
CA GLN A 69 15.46 -15.51 21.10
C GLN A 69 16.71 -16.39 21.11
N VAL A 70 17.66 -16.14 20.22
CA VAL A 70 18.84 -16.96 20.08
C VAL A 70 20.17 -16.14 19.94
N ALA A 71 21.25 -16.60 20.59
CA ALA A 71 22.54 -15.88 20.65
C ALA A 71 23.63 -16.78 20.21
N VAL A 72 24.86 -16.29 20.21
CA VAL A 72 26.00 -17.12 19.77
C VAL A 72 27.12 -17.24 20.85
N VAL A 73 27.74 -18.42 20.99
CA VAL A 73 28.89 -18.56 21.89
C VAL A 73 29.96 -19.48 21.26
N GLY A 74 31.24 -19.19 21.50
CA GLY A 74 32.32 -20.12 21.13
C GLY A 74 32.03 -21.50 21.68
N ARG A 75 32.14 -22.53 20.84
CA ARG A 75 31.80 -23.88 21.27
C ARG A 75 32.71 -24.38 22.40
N ASP A 76 33.97 -23.94 22.41
CA ASP A 76 34.86 -24.35 23.49
C ASP A 76 34.44 -23.85 24.89
N ALA A 77 33.68 -22.76 24.97
CA ALA A 77 33.02 -22.37 26.25
C ALA A 77 31.77 -23.20 26.69
N LEU A 78 31.29 -24.16 25.87
CA LEU A 78 29.99 -24.89 26.10
C LEU A 78 30.22 -26.37 26.48
N GLU A 79 29.51 -26.84 27.50
CA GLU A 79 29.62 -28.19 28.07
C GLU A 79 28.30 -28.68 28.54
N VAL A 80 27.90 -29.88 28.15
CA VAL A 80 26.66 -30.51 28.74
C VAL A 80 26.94 -31.04 30.16
N LEU A 81 26.27 -30.48 31.16
CA LEU A 81 26.52 -30.96 32.52
C LEU A 81 25.78 -32.23 32.95
N GLU A 82 24.47 -32.27 32.71
CA GLU A 82 23.53 -33.30 33.21
C GLU A 82 22.52 -33.57 32.06
N GLY A 83 21.95 -34.79 31.99
CA GLY A 83 20.91 -35.18 31.05
C GLY A 83 21.37 -35.43 29.60
N ALA A 84 22.64 -35.81 29.35
CA ALA A 84 23.08 -36.08 27.95
C ALA A 84 22.29 -37.14 27.17
N GLU A 85 21.76 -38.16 27.89
CA GLU A 85 20.94 -39.21 27.32
C GLU A 85 19.50 -38.79 27.00
N LYS A 86 19.10 -37.59 27.41
CA LYS A 86 17.74 -37.09 27.25
C LYS A 86 17.68 -36.27 25.99
N LEU A 87 18.83 -35.96 25.45
CA LEU A 87 18.94 -35.09 24.34
C LEU A 87 18.90 -35.88 23.06
N GLU A 88 18.36 -35.29 22.00
CA GLU A 88 18.41 -35.87 20.62
C GLU A 88 18.71 -34.77 19.61
N ILE A 89 19.28 -35.10 18.44
CA ILE A 89 19.49 -34.13 17.31
C ILE A 89 18.22 -34.13 16.47
N VAL A 90 17.65 -32.95 16.21
CA VAL A 90 16.43 -32.81 15.40
C VAL A 90 16.60 -33.31 13.94
N ASN A 91 17.62 -32.80 13.28
CA ASN A 91 17.89 -33.08 11.89
C ASN A 91 19.41 -33.00 11.70
N ALA A 92 20.05 -34.16 11.70
CA ALA A 92 21.49 -34.35 11.47
C ALA A 92 22.01 -33.87 10.11
N GLU A 93 21.09 -33.68 9.15
CA GLU A 93 21.36 -33.15 7.82
C GLU A 93 21.32 -31.62 7.71
N ALA A 94 20.88 -30.94 8.77
CA ALA A 94 20.78 -29.48 8.79
C ALA A 94 22.19 -28.90 9.04
N PRO A 95 22.53 -27.75 8.39
CA PRO A 95 23.73 -26.99 8.74
C PRO A 95 23.97 -26.87 10.25
N ILE A 96 22.90 -26.58 11.00
CA ILE A 96 22.95 -26.47 12.46
C ILE A 96 22.20 -27.69 13.03
N GLN A 97 22.93 -28.59 13.71
CA GLN A 97 22.29 -29.68 14.41
C GLN A 97 21.79 -29.14 15.71
N ARG A 98 20.47 -29.16 15.83
CA ARG A 98 19.83 -28.70 17.05
C ARG A 98 19.67 -29.90 17.94
N HIS A 99 20.32 -29.81 19.10
CA HIS A 99 20.22 -30.81 20.16
C HIS A 99 19.10 -30.38 21.14
N ARG A 100 18.20 -31.30 21.47
CA ARG A 100 16.96 -30.98 22.10
C ARG A 100 16.51 -31.99 23.16
N CYS A 101 15.79 -31.52 24.18
CA CYS A 101 15.28 -32.46 25.17
C CYS A 101 14.04 -33.21 24.67
N ARG A 102 14.17 -34.54 24.70
CA ARG A 102 13.16 -35.35 24.14
C ARG A 102 11.89 -35.44 24.97
N ASP A 103 11.94 -35.04 26.24
CA ASP A 103 10.72 -35.03 27.07
C ASP A 103 9.98 -33.68 27.12
N CYS A 104 10.71 -32.56 27.04
CA CYS A 104 10.09 -31.23 27.09
C CYS A 104 10.16 -30.51 25.74
N GLY A 105 11.03 -30.98 24.84
CA GLY A 105 11.12 -30.40 23.52
C GLY A 105 12.03 -29.19 23.38
N VAL A 106 12.68 -28.78 24.48
CA VAL A 106 13.51 -27.52 24.51
C VAL A 106 14.89 -27.76 23.88
N HIS A 107 15.34 -26.83 23.06
CA HIS A 107 16.58 -27.02 22.32
C HIS A 107 17.68 -26.53 23.24
N MET A 108 18.72 -27.31 23.43
CA MET A 108 19.72 -26.90 24.43
C MET A 108 21.00 -26.32 23.85
N TYR A 109 21.40 -26.71 22.63
CA TYR A 109 22.40 -25.94 21.84
C TYR A 109 22.22 -26.32 20.38
N GLY A 110 22.68 -25.49 19.44
CA GLY A 110 22.62 -25.80 18.02
C GLY A 110 24.06 -25.73 17.59
N ARG A 111 24.61 -26.83 17.01
CA ARG A 111 26.03 -26.99 16.65
C ARG A 111 26.35 -27.10 15.16
N ILE A 112 27.44 -26.53 14.70
CA ILE A 112 27.80 -26.64 13.27
C ILE A 112 29.01 -27.56 13.07
N GLU A 113 28.80 -28.69 12.41
CA GLU A 113 29.82 -29.72 12.21
C GLU A 113 30.68 -29.58 10.90
N ASN A 114 30.17 -28.89 9.88
CA ASN A 114 30.97 -28.62 8.70
C ASN A 114 32.07 -27.58 8.99
N ARG A 115 33.34 -27.98 8.84
CA ARG A 115 34.47 -27.06 9.04
C ARG A 115 34.53 -25.85 8.06
N ASP A 116 33.80 -25.93 6.95
CA ASP A 116 33.76 -24.84 5.97
C ASP A 116 32.65 -23.79 6.11
N HIS A 117 31.66 -24.10 6.95
CA HIS A 117 30.51 -23.23 7.21
C HIS A 117 30.98 -21.92 7.83
N PRO A 118 30.43 -20.75 7.39
CA PRO A 118 30.83 -19.45 8.00
C PRO A 118 30.64 -19.28 9.50
N PHE A 119 29.79 -20.09 10.15
CA PHE A 119 29.65 -19.96 11.60
C PHE A 119 30.26 -21.13 12.33
N TYR A 120 31.21 -21.83 11.69
CA TYR A 120 31.91 -22.93 12.35
C TYR A 120 32.71 -22.45 13.57
N GLY A 121 32.63 -23.14 14.71
CA GLY A 121 33.22 -22.63 15.97
C GLY A 121 32.22 -22.00 16.93
N LEU A 122 31.08 -21.57 16.40
CA LEU A 122 29.99 -20.87 17.15
C LEU A 122 28.75 -21.80 17.35
N ASP A 123 28.34 -21.97 18.63
CA ASP A 123 27.12 -22.64 19.06
C ASP A 123 25.99 -21.59 19.29
N PHE A 124 24.73 -22.00 19.13
CA PHE A 124 23.54 -21.14 19.15
C PHE A 124 22.74 -21.59 20.36
N VAL A 125 22.38 -20.69 21.28
CA VAL A 125 21.85 -21.05 22.61
C VAL A 125 20.81 -20.01 22.96
N HIS A 126 19.78 -20.46 23.68
CA HIS A 126 18.68 -19.62 24.10
C HIS A 126 18.96 -19.28 25.57
N THR A 127 19.51 -18.10 25.81
CA THR A 127 19.97 -17.77 27.15
C THR A 127 18.83 -17.35 28.04
N GLU A 128 17.59 -17.35 27.51
CA GLU A 128 16.41 -17.31 28.38
C GLU A 128 16.26 -18.58 29.30
N LEU A 129 16.96 -19.67 28.97
CA LEU A 129 16.90 -20.93 29.71
C LEU A 129 17.82 -20.84 30.93
N SER A 130 18.46 -19.67 31.06
CA SER A 130 19.29 -19.37 32.22
C SER A 130 18.47 -18.60 33.26
N ASP A 131 18.75 -18.87 34.53
CA ASP A 131 18.18 -18.16 35.68
C ASP A 131 18.93 -16.85 36.06
N GLU A 132 20.14 -16.64 35.51
CA GLU A 132 20.94 -15.40 35.70
C GLU A 132 20.60 -14.30 34.64
N ASP A 133 20.62 -13.05 35.08
CA ASP A 133 20.54 -11.87 34.20
C ASP A 133 21.96 -11.48 33.84
N GLY A 134 22.17 -10.73 32.76
CA GLY A 134 23.53 -10.27 32.47
C GLY A 134 24.05 -10.63 31.10
N TRP A 135 23.31 -11.48 30.38
CA TRP A 135 23.69 -11.93 29.05
C TRP A 135 23.57 -10.78 28.02
N SER A 136 24.29 -10.84 26.89
CA SER A 136 24.05 -9.89 25.80
C SER A 136 22.56 -9.89 25.44
N ALA A 137 22.04 -8.69 25.24
CA ALA A 137 20.65 -8.48 24.93
C ALA A 137 20.42 -8.51 23.39
N PRO A 138 19.17 -8.74 22.97
CA PRO A 138 18.87 -8.88 21.55
C PRO A 138 19.18 -7.60 20.77
N GLU A 139 19.67 -7.72 19.54
CA GLU A 139 20.14 -6.54 18.82
C GLU A 139 19.26 -6.18 17.61
N PHE A 140 18.54 -7.18 17.09
CA PHE A 140 17.81 -7.06 15.79
C PHE A 140 16.85 -8.25 15.67
N ALA A 141 16.02 -8.25 14.62
CA ALA A 141 15.12 -9.43 14.33
C ALA A 141 15.51 -10.01 12.95
N ALA A 142 15.58 -11.32 12.86
CA ALA A 142 16.03 -11.99 11.67
C ALA A 142 14.88 -12.88 11.19
N PHE A 143 14.92 -13.22 9.89
CA PHE A 143 13.92 -14.13 9.27
C PHE A 143 12.53 -13.78 9.64
N VAL A 144 12.23 -12.48 9.60
CA VAL A 144 10.94 -11.95 10.01
C VAL A 144 9.81 -12.51 9.17
N SER A 145 9.98 -12.56 7.84
CA SER A 145 8.91 -13.05 6.95
C SER A 145 8.58 -14.55 7.21
N SER A 146 9.53 -15.29 7.77
CA SER A 146 9.41 -16.71 8.04
C SER A 146 8.26 -17.11 8.96
N ILE A 147 7.80 -16.19 9.80
CA ILE A 147 6.73 -16.42 10.72
C ILE A 147 5.40 -16.79 10.04
N ILE A 148 5.11 -16.21 8.87
CA ILE A 148 4.06 -16.72 7.99
C ILE A 148 4.13 -18.22 7.71
N GLU A 149 5.34 -18.79 7.64
CA GLU A 149 5.50 -20.22 7.33
C GLU A 149 5.10 -21.08 8.50
N SER A 150 5.06 -20.47 9.68
CA SER A 150 4.54 -21.09 10.89
C SER A 150 3.13 -20.56 11.22
N GLY A 151 2.43 -19.96 10.24
CA GLY A 151 0.99 -19.69 10.31
C GLY A 151 0.50 -18.39 10.91
N VAL A 152 1.40 -17.42 11.04
CA VAL A 152 0.97 -16.09 11.35
C VAL A 152 0.30 -15.51 10.07
N ASP A 153 -0.90 -14.95 10.22
CA ASP A 153 -1.58 -14.36 9.08
C ASP A 153 -0.80 -13.15 8.54
N PRO A 154 -0.49 -13.11 7.21
CA PRO A 154 0.19 -12.03 6.52
C PRO A 154 -0.34 -10.59 6.70
N SER A 155 -1.63 -10.42 6.95
CA SER A 155 -2.21 -9.12 7.37
C SER A 155 -1.75 -8.65 8.78
N ARG A 156 -1.19 -9.58 9.58
CA ARG A 156 -0.61 -9.20 10.87
C ARG A 156 0.82 -8.57 10.81
N MET A 157 1.40 -8.53 9.60
CA MET A 157 2.84 -8.21 9.44
C MET A 157 3.25 -6.72 9.61
N GLU A 158 2.32 -5.82 9.37
CA GLU A 158 2.61 -4.41 9.42
C GLU A 158 2.77 -4.01 10.88
N ALA A 159 1.89 -4.57 11.72
CA ALA A 159 1.86 -4.26 13.15
C ALA A 159 3.01 -4.94 13.86
N ILE A 160 3.35 -6.14 13.41
CA ILE A 160 4.50 -6.89 13.92
C ILE A 160 5.86 -6.21 13.66
N ARG A 161 6.11 -5.69 12.46
CA ARG A 161 7.35 -4.91 12.14
C ARG A 161 7.46 -3.57 12.85
N ALA A 162 6.32 -2.85 13.02
CA ALA A 162 6.27 -1.60 13.77
C ALA A 162 6.62 -1.86 15.23
N ARG A 163 6.14 -2.98 15.80
CA ARG A 163 6.42 -3.31 17.20
C ARG A 163 7.90 -3.68 17.36
N LEU A 164 8.43 -4.45 16.41
CA LEU A 164 9.90 -4.69 16.36
C LEU A 164 10.71 -3.41 16.53
N ARG A 165 10.51 -2.44 15.63
CA ARG A 165 11.21 -1.13 15.63
C ARG A 165 11.08 -0.27 16.91
N GLU A 166 9.89 -0.24 17.50
CA GLU A 166 9.60 0.38 18.80
C GLU A 166 10.42 -0.23 19.88
N LEU A 167 10.74 -1.51 19.74
CA LEU A 167 11.59 -2.20 20.71
C LEU A 167 13.07 -2.05 20.40
N GLY A 168 13.44 -1.37 19.31
CA GLY A 168 14.84 -1.28 18.87
C GLY A 168 15.41 -2.49 18.17
N LEU A 169 14.55 -3.41 17.76
CA LEU A 169 14.99 -4.61 17.02
C LEU A 169 14.66 -4.47 15.55
N GLU A 170 15.57 -3.85 14.77
CA GLU A 170 15.31 -3.59 13.35
C GLU A 170 15.04 -4.92 12.63
N PRO A 171 13.87 -5.03 11.93
CA PRO A 171 13.50 -6.26 11.21
C PRO A 171 14.16 -6.46 9.83
N TYR A 172 14.72 -7.67 9.61
CA TYR A 172 15.42 -8.16 8.42
C TYR A 172 14.79 -9.49 8.04
N ASP A 173 14.64 -9.75 6.73
CA ASP A 173 13.99 -10.98 6.27
C ASP A 173 14.99 -12.11 6.07
N ALA A 174 16.25 -11.79 6.39
CA ALA A 174 17.37 -12.68 6.47
C ALA A 174 18.08 -12.31 7.82
N LEU A 175 19.43 -12.20 7.88
CA LEU A 175 20.10 -11.69 9.11
C LEU A 175 20.45 -10.17 8.99
N SER A 176 21.16 -9.60 9.98
CA SER A 176 21.49 -8.17 9.94
C SER A 176 22.48 -7.89 8.78
N PRO A 177 22.51 -6.65 8.26
CA PRO A 177 23.51 -6.45 7.17
C PRO A 177 25.00 -6.80 7.52
N PRO A 178 25.53 -6.34 8.69
CA PRO A 178 26.83 -6.82 9.13
C PRO A 178 27.06 -8.36 9.06
N LEU A 179 26.16 -9.16 9.63
CA LEU A 179 26.29 -10.65 9.61
C LEU A 179 26.15 -11.21 8.23
N MET A 180 25.22 -10.66 7.44
CA MET A 180 25.08 -11.03 6.02
C MET A 180 26.34 -10.78 5.18
N ASP A 181 27.03 -9.68 5.44
CA ASP A 181 28.32 -9.26 4.79
C ASP A 181 29.54 -10.07 5.24
N ALA A 182 29.55 -10.50 6.50
CA ALA A 182 30.49 -11.48 7.01
C ALA A 182 30.39 -12.86 6.33
N ILE A 183 29.15 -13.36 6.13
CA ILE A 183 28.90 -14.66 5.43
C ILE A 183 29.37 -14.66 3.95
N ALA A 184 29.16 -13.53 3.30
CA ALA A 184 29.47 -13.36 1.92
C ALA A 184 31.01 -13.27 1.75
N THR A 185 31.68 -12.51 2.63
CA THR A 185 33.16 -12.47 2.71
C THR A 185 33.82 -13.85 2.94
N HIS A 186 33.27 -14.61 3.88
CA HIS A 186 33.74 -15.96 4.11
C HIS A 186 33.59 -16.80 2.83
N ILE A 187 32.50 -16.62 2.12
CA ILE A 187 32.25 -17.37 0.88
C ILE A 187 33.17 -16.90 -0.27
N ALA A 188 33.33 -15.57 -0.39
CA ALA A 188 34.12 -14.92 -1.40
C ALA A 188 35.59 -15.36 -1.29
N LYS A 189 36.09 -15.49 -0.08
CA LYS A 189 37.49 -15.87 0.10
C LYS A 189 37.77 -17.36 -0.13
N ARG A 190 36.78 -18.19 0.14
CA ARG A 190 36.94 -19.59 -0.14
C ARG A 190 36.81 -19.89 -1.64
N SER A 191 36.09 -19.06 -2.38
CA SER A 191 35.97 -19.28 -3.82
C SER A 191 37.13 -18.58 -4.53
N GLY A 192 37.85 -17.78 -3.76
CA GLY A 192 38.97 -16.97 -4.27
C GLY A 192 38.55 -15.76 -5.08
N ALA A 193 37.28 -15.35 -5.00
CA ALA A 193 36.83 -14.06 -5.58
C ALA A 193 37.26 -12.88 -4.71
N LEU A 194 37.78 -13.17 -3.52
CA LEU A 194 38.55 -12.20 -2.72
C LEU A 194 39.89 -12.81 -2.17
N ALA A 195 40.94 -11.99 -2.18
CA ALA A 195 42.25 -12.35 -1.62
C ALA A 195 42.19 -12.67 -0.11
N ALA A 196 42.97 -13.66 0.32
CA ALA A 196 42.79 -14.34 1.62
C ALA A 196 43.33 -13.55 2.80
N GLY B 1 -7.57 -17.71 -9.26
CA GLY B 1 -7.78 -16.97 -10.62
C GLY B 1 -8.01 -15.43 -10.70
N HIS B 2 -7.47 -14.69 -9.69
CA HIS B 2 -7.96 -13.44 -9.01
C HIS B 2 -6.80 -12.72 -8.27
N MET B 3 -6.88 -11.38 -8.16
CA MET B 3 -5.93 -10.63 -7.30
C MET B 3 -6.37 -10.36 -5.81
N VAL B 4 -7.62 -9.96 -5.56
CA VAL B 4 -8.06 -9.82 -4.13
C VAL B 4 -9.20 -10.75 -3.79
N ASP B 5 -9.17 -11.30 -2.58
CA ASP B 5 -10.13 -12.30 -2.07
C ASP B 5 -11.42 -11.61 -1.60
N THR B 6 -12.50 -11.91 -2.29
CA THR B 6 -13.77 -11.28 -2.04
C THR B 6 -14.72 -12.26 -1.39
N SER B 7 -14.25 -13.42 -0.94
CA SER B 7 -15.16 -14.44 -0.34
C SER B 7 -15.85 -14.01 0.95
N GLY B 8 -17.16 -14.23 1.00
CA GLY B 8 -17.98 -13.77 2.14
C GLY B 8 -18.41 -12.31 2.17
N VAL B 9 -18.06 -11.54 1.14
CA VAL B 9 -18.44 -10.10 1.06
C VAL B 9 -19.87 -10.05 0.51
N LYS B 10 -20.77 -9.74 1.46
CA LYS B 10 -22.13 -9.52 1.20
C LYS B 10 -22.26 -7.97 1.07
N ILE B 11 -23.01 -7.48 0.06
CA ILE B 11 -23.22 -6.01 -0.21
C ILE B 11 -24.68 -5.51 0.12
N HIS B 12 -25.66 -6.17 -0.50
CA HIS B 12 -27.08 -5.87 -0.46
C HIS B 12 -27.72 -7.15 -1.00
N PRO B 13 -28.78 -7.67 -0.34
CA PRO B 13 -29.42 -8.94 -0.75
C PRO B 13 -29.88 -8.93 -2.23
N ALA B 14 -30.13 -7.73 -2.80
CA ALA B 14 -30.58 -7.60 -4.19
C ALA B 14 -29.47 -7.68 -5.23
N VAL B 15 -28.21 -7.79 -4.78
CA VAL B 15 -27.05 -7.89 -5.73
C VAL B 15 -26.11 -9.04 -5.40
N ASP B 16 -26.34 -9.67 -4.24
CA ASP B 16 -25.45 -10.70 -3.64
C ASP B 16 -25.64 -12.08 -4.23
N ASN B 17 -26.83 -12.37 -4.72
CA ASN B 17 -27.13 -13.63 -5.41
C ASN B 17 -27.86 -13.45 -6.74
N GLY B 18 -27.27 -12.69 -7.62
CA GLY B 18 -27.90 -12.41 -8.92
C GLY B 18 -28.47 -11.03 -8.90
N ILE B 19 -28.29 -10.30 -9.97
CA ILE B 19 -28.92 -9.02 -10.18
C ILE B 19 -29.99 -9.22 -11.26
N LYS B 20 -31.25 -8.89 -10.89
CA LYS B 20 -32.44 -9.07 -11.72
C LYS B 20 -32.45 -7.91 -12.66
N PRO B 21 -32.56 -8.14 -14.02
CA PRO B 21 -32.47 -7.08 -15.06
C PRO B 21 -33.78 -6.21 -15.30
N ALA B 22 -33.68 -5.05 -15.95
CA ALA B 22 -34.86 -4.36 -16.44
C ALA B 22 -35.59 -5.25 -17.43
N GLN B 23 -36.93 -5.11 -17.52
CA GLN B 23 -37.72 -5.73 -18.61
C GLN B 23 -38.37 -4.64 -19.52
N PRO B 24 -38.58 -4.95 -20.83
CA PRO B 24 -39.05 -3.95 -21.83
C PRO B 24 -40.51 -3.52 -21.54
N GLY B 25 -40.77 -2.22 -21.72
CA GLY B 25 -42.07 -1.63 -21.38
C GLY B 25 -42.54 -1.75 -19.92
N PHE B 26 -41.61 -1.86 -18.97
CA PHE B 26 -41.97 -1.92 -17.53
C PHE B 26 -42.59 -0.58 -17.14
N ALA B 27 -43.78 -0.64 -16.57
CA ALA B 27 -44.55 0.60 -16.33
C ALA B 27 -44.58 1.10 -14.90
N GLY B 28 -43.91 0.45 -13.97
CA GLY B 28 -44.08 0.79 -12.53
C GLY B 28 -44.82 -0.30 -11.71
N GLY B 29 -45.19 0.02 -10.48
CA GLY B 29 -45.70 -1.00 -9.58
C GLY B 29 -45.93 -0.36 -8.25
N THR B 30 -45.92 -1.18 -7.19
CA THR B 30 -46.23 -0.73 -5.81
C THR B 30 -45.15 -1.09 -4.83
N LEU B 31 -44.78 -0.12 -4.01
CA LEU B 31 -43.86 -0.39 -2.92
C LEU B 31 -44.69 -0.58 -1.64
N HIS B 32 -44.31 -1.51 -0.77
CA HIS B 32 -44.96 -1.64 0.54
C HIS B 32 -43.93 -1.83 1.69
N CYS B 33 -44.29 -1.45 2.90
CA CYS B 33 -43.35 -1.61 3.99
C CYS B 33 -43.44 -3.00 4.62
N LYS B 34 -42.74 -3.23 5.73
CA LYS B 34 -42.59 -4.52 6.36
C LYS B 34 -43.50 -4.89 7.55
N CYS B 35 -44.49 -4.05 7.83
CA CYS B 35 -45.52 -4.36 8.80
C CYS B 35 -46.38 -5.47 8.25
N SER B 36 -46.60 -6.50 9.06
CA SER B 36 -47.51 -7.61 8.73
C SER B 36 -48.91 -7.09 8.43
N THR B 37 -49.42 -6.29 9.38
CA THR B 37 -50.76 -5.73 9.45
C THR B 37 -50.80 -4.31 8.87
N ASN B 38 -51.71 -4.04 7.93
CA ASN B 38 -51.88 -2.67 7.36
C ASN B 38 -50.61 -1.92 6.88
N PRO B 39 -49.88 -2.43 5.87
CA PRO B 39 -48.66 -1.73 5.38
C PRO B 39 -48.86 -0.33 4.75
N VAL B 40 -47.92 0.60 4.92
CA VAL B 40 -47.85 1.68 3.98
C VAL B 40 -47.71 1.07 2.56
N ARG B 41 -48.37 1.68 1.56
CA ARG B 41 -48.35 1.29 0.15
C ARG B 41 -48.19 2.55 -0.69
N VAL B 42 -47.17 2.56 -1.53
CA VAL B 42 -46.97 3.64 -2.46
C VAL B 42 -46.87 3.15 -3.89
N ALA B 43 -47.56 3.85 -4.79
CA ALA B 43 -47.58 3.46 -6.16
C ALA B 43 -46.49 4.22 -6.85
N VAL B 44 -45.65 3.51 -7.60
CA VAL B 44 -44.68 4.19 -8.49
C VAL B 44 -45.10 3.85 -9.94
N ARG B 45 -45.72 4.83 -10.60
CA ARG B 45 -46.39 4.57 -11.92
C ARG B 45 -45.53 4.94 -13.09
N ALA B 46 -44.26 4.56 -13.03
CA ALA B 46 -43.25 4.71 -14.13
C ALA B 46 -41.98 3.92 -13.81
N GLN B 47 -41.22 3.58 -14.83
CA GLN B 47 -39.85 3.10 -14.71
C GLN B 47 -38.94 4.11 -13.96
N THR B 48 -37.94 3.62 -13.22
CA THR B 48 -36.99 4.45 -12.49
C THR B 48 -35.67 4.69 -13.32
N ALA B 49 -34.86 5.69 -12.98
CA ALA B 49 -33.52 5.71 -13.53
C ALA B 49 -32.54 5.77 -12.39
N HIS B 50 -31.28 5.55 -12.70
CA HIS B 50 -30.18 5.77 -11.75
C HIS B 50 -30.30 5.00 -10.41
N ASN B 51 -30.80 3.74 -10.49
CA ASN B 51 -30.73 2.76 -9.41
C ASN B 51 -29.28 2.49 -9.12
N HIS B 52 -28.95 2.44 -7.82
CA HIS B 52 -27.59 2.26 -7.45
C HIS B 52 -27.54 1.72 -6.00
N VAL B 53 -26.39 1.22 -5.58
CA VAL B 53 -26.17 0.95 -4.17
C VAL B 53 -25.44 2.15 -3.51
N CYS B 54 -25.79 2.49 -2.25
CA CYS B 54 -25.33 3.71 -1.57
C CYS B 54 -24.78 3.39 -0.17
N GLY B 55 -23.60 3.92 0.16
CA GLY B 55 -23.05 3.74 1.51
C GLY B 55 -23.39 4.82 2.56
N CYS B 56 -23.96 5.93 2.11
CA CYS B 56 -24.45 6.97 2.97
C CYS B 56 -25.18 6.43 4.22
N THR B 57 -24.92 7.10 5.37
CA THR B 57 -25.54 6.80 6.67
C THR B 57 -27.04 7.17 6.66
N LYS B 58 -27.39 8.21 5.92
CA LYS B 58 -28.79 8.65 5.88
C LYS B 58 -29.80 7.70 5.13
N CYS B 59 -29.23 6.74 4.41
CA CYS B 59 -29.97 5.80 3.54
C CYS B 59 -30.47 4.49 4.14
N TRP B 60 -31.71 4.12 3.84
CA TRP B 60 -32.31 2.90 4.44
C TRP B 60 -31.74 1.63 3.83
N LYS B 61 -31.35 0.67 4.67
CA LYS B 61 -30.80 -0.60 4.24
C LYS B 61 -31.52 -1.67 5.01
N PRO B 62 -31.78 -2.84 4.38
CA PRO B 62 -32.45 -3.92 5.10
C PRO B 62 -31.54 -4.46 6.23
N GLU B 63 -32.13 -5.10 7.22
CA GLU B 63 -31.32 -5.50 8.37
C GLU B 63 -30.25 -6.50 7.91
N GLY B 64 -29.02 -6.32 8.36
CA GLY B 64 -27.90 -7.06 7.76
C GLY B 64 -27.09 -6.26 6.74
N ALA B 65 -27.72 -5.50 5.85
CA ALA B 65 -27.00 -4.96 4.68
C ALA B 65 -26.05 -3.75 4.99
N ILE B 66 -24.87 -3.74 4.40
CA ILE B 66 -23.99 -2.57 4.54
C ILE B 66 -24.24 -1.48 3.45
N PHE B 67 -24.97 -1.82 2.40
CA PHE B 67 -25.36 -0.85 1.32
C PHE B 67 -26.89 -0.82 1.19
N SER B 68 -27.35 0.32 0.71
CA SER B 68 -28.72 0.63 0.42
C SER B 68 -28.81 0.44 -1.08
N GLN B 69 -30.01 0.11 -1.58
CA GLN B 69 -30.29 0.23 -3.02
C GLN B 69 -31.37 1.30 -3.26
N VAL B 70 -31.02 2.38 -3.96
CA VAL B 70 -31.89 3.51 -4.16
C VAL B 70 -31.93 4.02 -5.66
N ALA B 71 -33.13 4.30 -6.17
CA ALA B 71 -33.37 4.79 -7.53
C ALA B 71 -34.16 6.08 -7.45
N VAL B 72 -34.25 6.76 -8.61
CA VAL B 72 -34.90 8.04 -8.78
C VAL B 72 -36.11 7.91 -9.74
N VAL B 73 -37.24 8.52 -9.35
CA VAL B 73 -38.43 8.54 -10.20
C VAL B 73 -38.95 9.97 -10.17
N GLY B 74 -39.56 10.45 -11.26
CA GLY B 74 -40.13 11.80 -11.22
C GLY B 74 -41.29 11.83 -10.28
N ARG B 75 -41.39 12.84 -9.44
CA ARG B 75 -42.43 12.86 -8.40
C ARG B 75 -43.93 12.77 -8.83
N ASP B 76 -44.29 13.18 -10.05
CA ASP B 76 -45.68 13.02 -10.52
C ASP B 76 -46.17 11.57 -10.62
N ALA B 77 -45.27 10.64 -10.87
CA ALA B 77 -45.56 9.23 -10.86
C ALA B 77 -45.83 8.64 -9.45
N LEU B 78 -45.66 9.42 -8.36
CA LEU B 78 -45.58 8.81 -7.00
C LEU B 78 -46.83 9.10 -6.18
N GLU B 79 -47.47 8.08 -5.63
CA GLU B 79 -48.65 8.32 -4.79
C GLU B 79 -48.66 7.43 -3.58
N VAL B 80 -48.98 7.99 -2.42
CA VAL B 80 -49.25 7.18 -1.24
C VAL B 80 -50.68 6.64 -1.30
N LEU B 81 -50.84 5.32 -1.21
CA LEU B 81 -52.14 4.74 -1.34
C LEU B 81 -52.76 4.39 0.03
N GLU B 82 -51.94 3.94 0.98
CA GLU B 82 -52.40 3.50 2.31
C GLU B 82 -51.35 3.80 3.38
N GLY B 83 -51.78 3.94 4.64
CA GLY B 83 -50.91 4.06 5.80
C GLY B 83 -50.13 5.37 5.80
N ALA B 84 -50.66 6.42 5.17
CA ALA B 84 -50.20 7.79 5.33
C ALA B 84 -50.03 8.26 6.78
N GLU B 85 -50.98 7.97 7.67
CA GLU B 85 -50.84 8.32 9.10
C GLU B 85 -49.67 7.62 9.84
N LYS B 86 -49.10 6.55 9.26
CA LYS B 86 -47.96 5.82 9.78
C LYS B 86 -46.62 6.43 9.37
N LEU B 87 -46.64 7.30 8.39
CA LEU B 87 -45.41 7.88 7.95
C LEU B 87 -44.99 9.03 8.85
N GLU B 88 -43.67 9.16 9.03
CA GLU B 88 -43.06 10.34 9.66
C GLU B 88 -41.88 10.79 8.78
N ILE B 89 -41.48 12.04 8.86
CA ILE B 89 -40.23 12.58 8.19
C ILE B 89 -39.09 12.43 9.18
N VAL B 90 -37.99 11.79 8.77
CA VAL B 90 -36.86 11.52 9.62
C VAL B 90 -36.17 12.83 10.09
N ASN B 91 -35.88 13.69 9.11
CA ASN B 91 -35.24 14.96 9.33
C ASN B 91 -35.72 15.92 8.21
N ALA B 92 -36.52 16.91 8.63
CA ALA B 92 -37.19 17.89 7.76
C ALA B 92 -36.20 18.96 7.33
N GLU B 93 -35.06 19.01 8.01
CA GLU B 93 -33.98 19.90 7.64
C GLU B 93 -33.01 19.33 6.65
N ALA B 94 -33.13 18.06 6.26
CA ALA B 94 -32.23 17.51 5.23
C ALA B 94 -32.71 17.98 3.87
N PRO B 95 -31.75 18.19 2.91
CA PRO B 95 -32.14 18.51 1.55
C PRO B 95 -33.13 17.49 0.96
N ILE B 96 -32.98 16.23 1.38
CA ILE B 96 -33.92 15.12 1.11
C ILE B 96 -34.71 14.70 2.34
N GLN B 97 -36.01 14.99 2.38
CA GLN B 97 -36.85 14.54 3.49
C GLN B 97 -37.22 13.10 3.31
N ARG B 98 -36.91 12.28 4.31
CA ARG B 98 -37.15 10.86 4.18
C ARG B 98 -38.35 10.48 4.97
N HIS B 99 -39.35 10.01 4.23
CA HIS B 99 -40.66 9.62 4.75
C HIS B 99 -40.53 8.15 5.03
N ARG B 100 -40.78 7.77 6.26
CA ARG B 100 -40.41 6.49 6.83
C ARG B 100 -41.63 5.95 7.63
N CYS B 101 -41.87 4.64 7.56
CA CYS B 101 -42.85 4.00 8.43
C CYS B 101 -42.41 3.93 9.89
N ARG B 102 -43.23 4.47 10.79
CA ARG B 102 -42.85 4.57 12.21
C ARG B 102 -42.88 3.27 12.97
N ASP B 103 -43.56 2.25 12.42
CA ASP B 103 -43.62 0.93 13.06
C ASP B 103 -42.52 -0.03 12.66
N CYS B 104 -42.17 -0.11 11.38
CA CYS B 104 -41.06 -0.96 10.92
C CYS B 104 -39.79 -0.14 10.58
N GLY B 105 -39.88 1.18 10.49
CA GLY B 105 -38.71 1.99 10.11
C GLY B 105 -38.32 2.01 8.63
N VAL B 106 -39.13 1.37 7.79
CA VAL B 106 -38.79 1.34 6.34
C VAL B 106 -39.09 2.70 5.71
N HIS B 107 -38.15 3.20 4.91
CA HIS B 107 -38.29 4.49 4.29
C HIS B 107 -39.08 4.26 3.04
N MET B 108 -40.19 4.96 2.94
CA MET B 108 -41.10 4.76 1.81
C MET B 108 -40.88 5.65 0.61
N TYR B 109 -40.35 6.88 0.81
CA TYR B 109 -39.79 7.73 -0.27
C TYR B 109 -38.95 8.90 0.28
N GLY B 110 -38.08 9.52 -0.51
CA GLY B 110 -37.40 10.71 -0.07
C GLY B 110 -37.65 11.83 -1.06
N ARG B 111 -37.97 13.04 -0.56
CA ARG B 111 -38.45 14.12 -1.38
C ARG B 111 -37.66 15.41 -1.15
N ILE B 112 -37.28 16.06 -2.24
CA ILE B 112 -36.60 17.33 -2.21
C ILE B 112 -37.66 18.43 -2.34
N GLU B 113 -37.81 19.17 -1.26
CA GLU B 113 -38.83 20.20 -1.19
C GLU B 113 -38.33 21.60 -1.65
N ASN B 114 -37.03 21.74 -1.87
CA ASN B 114 -36.42 23.02 -2.31
C ASN B 114 -36.29 23.10 -3.80
N ARG B 115 -36.89 24.16 -4.36
CA ARG B 115 -36.98 24.26 -5.81
C ARG B 115 -35.66 24.55 -6.53
N ASP B 116 -34.61 24.94 -5.81
CA ASP B 116 -33.29 25.18 -6.43
C ASP B 116 -32.31 24.02 -6.42
N HIS B 117 -32.63 22.95 -5.67
CA HIS B 117 -31.79 21.74 -5.56
C HIS B 117 -31.71 21.11 -6.95
N PRO B 118 -30.51 20.60 -7.37
CA PRO B 118 -30.31 19.86 -8.64
C PRO B 118 -31.29 18.68 -8.92
N PHE B 119 -31.78 18.04 -7.86
CA PHE B 119 -32.61 16.86 -7.97
C PHE B 119 -34.06 17.21 -7.65
N TYR B 120 -34.38 18.51 -7.70
CA TYR B 120 -35.78 18.93 -7.58
C TYR B 120 -36.65 18.27 -8.64
N GLY B 121 -37.82 17.73 -8.26
CA GLY B 121 -38.68 16.98 -9.19
C GLY B 121 -38.34 15.49 -9.31
N LEU B 122 -37.34 15.04 -8.55
CA LEU B 122 -37.09 13.58 -8.37
C LEU B 122 -37.35 13.06 -6.93
N ASP B 123 -38.21 12.05 -6.80
CA ASP B 123 -38.33 11.30 -5.57
C ASP B 123 -37.34 10.11 -5.57
N PHE B 124 -36.80 9.79 -4.41
CA PHE B 124 -35.88 8.68 -4.17
C PHE B 124 -36.65 7.53 -3.51
N VAL B 125 -36.52 6.31 -4.04
CA VAL B 125 -37.35 5.10 -3.66
C VAL B 125 -36.54 3.82 -3.74
N HIS B 126 -37.04 2.82 -3.03
CA HIS B 126 -36.35 1.55 -2.84
C HIS B 126 -37.17 0.47 -3.47
N THR B 127 -36.89 0.21 -4.75
CA THR B 127 -37.65 -0.78 -5.52
C THR B 127 -37.53 -2.23 -5.05
N GLU B 128 -36.68 -2.50 -4.05
CA GLU B 128 -36.66 -3.83 -3.47
C GLU B 128 -37.96 -4.07 -2.69
N LEU B 129 -38.64 -2.97 -2.35
CA LEU B 129 -39.91 -2.94 -1.59
C LEU B 129 -41.11 -3.30 -2.50
N SER B 130 -40.85 -3.34 -3.83
CA SER B 130 -41.82 -3.89 -4.80
C SER B 130 -41.70 -5.39 -4.96
N ASP B 131 -42.85 -6.09 -4.97
CA ASP B 131 -42.92 -7.52 -5.27
C ASP B 131 -42.85 -7.86 -6.77
N GLU B 132 -42.93 -6.86 -7.64
CA GLU B 132 -42.74 -7.04 -9.09
C GLU B 132 -41.23 -6.95 -9.43
N ASP B 133 -40.78 -7.75 -10.42
CA ASP B 133 -39.45 -7.52 -11.09
C ASP B 133 -39.56 -6.68 -12.38
N GLY B 134 -38.44 -6.30 -12.97
CA GLY B 134 -38.45 -5.49 -14.19
C GLY B 134 -38.05 -4.04 -13.99
N TRP B 135 -37.86 -3.64 -12.71
CA TRP B 135 -37.39 -2.29 -12.31
C TRP B 135 -36.00 -2.11 -12.88
N SER B 136 -35.54 -0.90 -12.98
CA SER B 136 -34.30 -0.70 -13.71
C SER B 136 -33.17 -1.08 -12.74
N ALA B 137 -32.09 -1.64 -13.24
CA ALA B 137 -31.09 -2.30 -12.35
C ALA B 137 -30.03 -1.32 -11.83
N PRO B 138 -29.38 -1.66 -10.68
CA PRO B 138 -28.34 -0.79 -10.12
C PRO B 138 -27.14 -0.64 -11.05
N GLU B 139 -26.62 0.58 -11.17
CA GLU B 139 -25.60 0.89 -12.19
C GLU B 139 -24.19 1.09 -11.63
N PHE B 140 -24.14 1.46 -10.35
CA PHE B 140 -22.84 1.80 -9.76
C PHE B 140 -22.99 1.75 -8.25
N ALA B 141 -21.90 2.05 -7.54
CA ALA B 141 -21.90 2.21 -6.09
C ALA B 141 -21.53 3.68 -5.70
N ALA B 142 -22.28 4.31 -4.78
CA ALA B 142 -22.00 5.69 -4.34
C ALA B 142 -21.65 5.77 -2.84
N PHE B 143 -20.97 6.86 -2.43
CA PHE B 143 -20.64 7.15 -1.01
C PHE B 143 -20.05 5.91 -0.32
N VAL B 144 -19.08 5.27 -0.96
CA VAL B 144 -18.58 3.97 -0.55
C VAL B 144 -17.81 4.14 0.77
N SER B 145 -17.01 5.21 0.87
CA SER B 145 -16.13 5.36 2.04
C SER B 145 -17.01 5.59 3.28
N SER B 146 -18.24 6.06 3.03
CA SER B 146 -19.21 6.41 4.06
C SER B 146 -19.65 5.25 4.93
N ILE B 147 -19.42 4.01 4.48
CA ILE B 147 -19.76 2.82 5.28
C ILE B 147 -18.95 2.64 6.57
N ILE B 148 -17.72 3.13 6.62
CA ILE B 148 -16.95 3.24 7.84
C ILE B 148 -17.72 3.99 8.96
N GLU B 149 -18.46 5.03 8.59
CA GLU B 149 -19.16 5.88 9.52
C GLU B 149 -20.35 5.18 10.16
N SER B 150 -20.73 4.02 9.63
CA SER B 150 -21.79 3.14 10.10
C SER B 150 -21.19 1.87 10.74
N GLY B 151 -19.87 1.85 10.98
CA GLY B 151 -19.23 0.74 11.69
C GLY B 151 -18.40 -0.25 10.90
N VAL B 152 -18.44 -0.23 9.56
CA VAL B 152 -17.46 -1.02 8.78
C VAL B 152 -15.96 -0.69 9.03
N ASP B 153 -15.21 -1.71 9.42
CA ASP B 153 -13.78 -1.53 9.66
C ASP B 153 -13.06 -1.21 8.35
N PRO B 154 -12.26 -0.11 8.32
CA PRO B 154 -11.44 0.36 7.22
C PRO B 154 -10.58 -0.71 6.58
N SER B 155 -10.23 -1.75 7.34
CA SER B 155 -9.44 -2.88 6.83
C SER B 155 -10.24 -3.79 5.87
N ARG B 156 -11.57 -3.68 6.00
CA ARG B 156 -12.53 -4.35 5.13
C ARG B 156 -12.69 -3.69 3.72
N MET B 157 -12.06 -2.54 3.49
CA MET B 157 -12.49 -1.75 2.35
C MET B 157 -12.02 -2.29 0.98
N GLU B 158 -10.90 -2.97 0.99
CA GLU B 158 -10.23 -3.38 -0.22
C GLU B 158 -11.00 -4.47 -0.86
N ALA B 159 -11.53 -5.37 -0.03
CA ALA B 159 -12.35 -6.51 -0.47
C ALA B 159 -13.75 -6.06 -0.90
N ILE B 160 -14.33 -5.15 -0.13
CA ILE B 160 -15.54 -4.41 -0.51
C ILE B 160 -15.49 -3.62 -1.87
N ARG B 161 -14.46 -2.80 -2.14
CA ARG B 161 -14.24 -2.21 -3.50
C ARG B 161 -14.07 -3.22 -4.61
N ALA B 162 -13.31 -4.31 -4.36
CA ALA B 162 -13.13 -5.41 -5.32
C ALA B 162 -14.40 -6.22 -5.67
N ARG B 163 -15.19 -6.59 -4.65
CA ARG B 163 -16.51 -7.23 -4.82
C ARG B 163 -17.46 -6.35 -5.61
N LEU B 164 -17.51 -5.05 -5.30
CA LEU B 164 -18.31 -4.09 -6.05
C LEU B 164 -17.97 -4.11 -7.55
N ARG B 165 -16.71 -3.87 -7.95
CA ARG B 165 -16.24 -4.15 -9.34
C ARG B 165 -16.56 -5.59 -9.90
N GLU B 166 -16.32 -6.67 -9.14
CA GLU B 166 -16.86 -7.99 -9.56
C GLU B 166 -18.32 -7.96 -9.98
N LEU B 167 -19.18 -7.27 -9.23
CA LEU B 167 -20.62 -7.15 -9.58
C LEU B 167 -20.97 -6.16 -10.72
N GLY B 168 -19.99 -5.49 -11.31
CA GLY B 168 -20.27 -4.46 -12.28
C GLY B 168 -20.65 -3.09 -11.73
N LEU B 169 -20.44 -2.90 -10.42
CA LEU B 169 -20.82 -1.65 -9.71
C LEU B 169 -19.62 -0.78 -9.32
N GLU B 170 -19.26 0.17 -10.17
CA GLU B 170 -17.98 0.86 -10.01
C GLU B 170 -18.09 1.70 -8.81
N PRO B 171 -17.21 1.46 -7.78
CA PRO B 171 -17.22 2.29 -6.55
C PRO B 171 -16.80 3.76 -6.73
N TYR B 172 -17.65 4.68 -6.22
CA TYR B 172 -17.35 6.10 -6.02
C TYR B 172 -17.53 6.50 -4.57
N ASP B 173 -16.67 7.41 -4.11
CA ASP B 173 -16.83 8.01 -2.76
C ASP B 173 -17.82 9.16 -2.69
N ALA B 174 -18.40 9.49 -3.86
CA ALA B 174 -19.53 10.41 -3.99
C ALA B 174 -20.60 9.82 -4.97
N LEU B 175 -21.24 10.64 -5.83
CA LEU B 175 -21.98 10.05 -6.96
C LEU B 175 -21.06 9.71 -8.18
N SER B 176 -21.62 9.10 -9.23
CA SER B 176 -20.83 8.75 -10.42
C SER B 176 -20.46 10.03 -11.16
N PRO B 177 -19.42 9.99 -12.04
CA PRO B 177 -19.07 11.20 -12.74
C PRO B 177 -20.19 11.85 -13.60
N PRO B 178 -20.97 11.08 -14.41
CA PRO B 178 -22.08 11.80 -15.04
C PRO B 178 -22.96 12.59 -14.08
N LEU B 179 -23.44 11.92 -13.02
CA LEU B 179 -24.37 12.54 -12.05
C LEU B 179 -23.75 13.65 -11.25
N MET B 180 -22.43 13.57 -10.97
CA MET B 180 -21.66 14.70 -10.38
C MET B 180 -21.41 15.88 -11.34
N ASP B 181 -21.13 15.58 -12.60
CA ASP B 181 -21.04 16.60 -13.69
C ASP B 181 -22.39 17.33 -13.87
N ALA B 182 -23.48 16.57 -14.03
CA ALA B 182 -24.84 17.15 -13.91
C ALA B 182 -25.07 18.14 -12.78
N ILE B 183 -24.67 17.86 -11.53
CA ILE B 183 -24.90 18.81 -10.40
C ILE B 183 -24.03 20.09 -10.49
N ALA B 184 -22.77 19.94 -10.92
CA ALA B 184 -21.91 21.10 -11.14
C ALA B 184 -22.55 22.03 -12.23
N THR B 185 -23.19 21.42 -13.24
CA THR B 185 -23.85 22.18 -14.31
C THR B 185 -25.06 22.98 -13.78
N HIS B 186 -25.90 22.34 -12.97
CA HIS B 186 -27.01 23.03 -12.31
C HIS B 186 -26.52 24.21 -11.43
N ILE B 187 -25.44 24.03 -10.66
CA ILE B 187 -24.86 25.11 -9.84
C ILE B 187 -24.21 26.19 -10.69
N ALA B 188 -23.63 25.83 -11.84
CA ALA B 188 -22.84 26.76 -12.60
C ALA B 188 -23.75 27.74 -13.34
N LYS B 189 -24.91 27.24 -13.77
CA LYS B 189 -25.92 28.05 -14.42
C LYS B 189 -26.67 29.07 -13.50
N ARG B 190 -26.81 28.78 -12.20
CA ARG B 190 -27.38 29.77 -11.29
C ARG B 190 -26.37 30.83 -10.95
N SER B 191 -25.09 30.49 -10.96
CA SER B 191 -24.12 31.46 -10.42
C SER B 191 -23.71 32.47 -11.51
N GLY B 192 -24.17 32.21 -12.73
CA GLY B 192 -23.75 32.97 -13.89
C GLY B 192 -22.50 32.42 -14.54
N ALA B 193 -21.77 31.53 -13.85
CA ALA B 193 -20.48 30.96 -14.31
C ALA B 193 -20.51 30.14 -15.63
N LEU B 194 -21.68 29.60 -15.98
CA LEU B 194 -22.01 29.17 -17.35
C LEU B 194 -23.30 29.88 -17.72
N ALA B 195 -23.50 30.20 -18.99
CA ALA B 195 -24.75 30.84 -19.38
C ALA B 195 -25.81 29.76 -19.63
N ALA B 196 -27.03 30.01 -19.14
CA ALA B 196 -28.10 28.99 -19.11
C ALA B 196 -28.83 28.86 -20.44
N MET C 3 -8.80 7.08 -28.81
CA MET C 3 -10.27 7.22 -28.63
C MET C 3 -10.72 8.70 -28.68
N VAL C 4 -10.15 9.52 -27.78
CA VAL C 4 -10.53 10.93 -27.62
C VAL C 4 -9.29 11.82 -27.71
N ASP C 5 -9.39 12.87 -28.52
CA ASP C 5 -8.27 13.79 -28.71
C ASP C 5 -7.99 14.46 -27.39
N THR C 6 -6.71 14.72 -27.14
CA THR C 6 -6.24 15.24 -25.87
C THR C 6 -5.42 16.52 -26.09
N SER C 7 -5.09 16.80 -27.36
CA SER C 7 -4.28 17.95 -27.79
C SER C 7 -4.65 19.25 -27.11
N GLY C 8 -3.63 20.02 -26.76
CA GLY C 8 -3.80 21.25 -25.98
C GLY C 8 -4.88 21.22 -24.91
N VAL C 9 -4.94 20.14 -24.10
CA VAL C 9 -5.71 20.17 -22.84
C VAL C 9 -4.76 20.51 -21.69
N LYS C 10 -5.10 21.54 -20.96
CA LYS C 10 -4.25 22.08 -19.90
C LYS C 10 -4.92 21.84 -18.54
N ILE C 11 -4.10 21.42 -17.59
CA ILE C 11 -4.51 21.04 -16.26
C ILE C 11 -3.89 22.05 -15.30
N HIS C 12 -2.57 22.02 -15.16
CA HIS C 12 -1.82 22.93 -14.29
C HIS C 12 -0.38 22.92 -14.79
N PRO C 13 0.27 24.10 -14.82
CA PRO C 13 1.66 24.30 -15.19
C PRO C 13 2.61 23.26 -14.62
N ALA C 14 2.54 22.99 -13.33
CA ALA C 14 3.50 22.05 -12.76
C ALA C 14 3.38 20.60 -13.32
N VAL C 15 2.24 20.26 -13.91
CA VAL C 15 2.04 18.92 -14.47
C VAL C 15 1.91 18.88 -15.99
N ASP C 16 1.69 20.02 -16.63
CA ASP C 16 1.34 20.05 -18.06
C ASP C 16 2.39 19.37 -18.94
N ASN C 17 3.63 19.31 -18.47
CA ASN C 17 4.71 18.58 -19.17
C ASN C 17 5.21 17.29 -18.50
N GLY C 18 4.40 16.76 -17.59
CA GLY C 18 4.70 15.51 -16.89
C GLY C 18 5.04 15.77 -15.43
N ILE C 19 4.77 14.75 -14.60
CA ILE C 19 5.08 14.75 -13.15
C ILE C 19 6.57 14.90 -12.79
N LYS C 20 6.93 15.93 -11.99
CA LYS C 20 8.26 15.97 -11.34
C LYS C 20 8.36 14.96 -10.15
N PRO C 21 9.41 14.13 -10.13
CA PRO C 21 9.60 13.17 -9.04
C PRO C 21 10.06 13.80 -7.72
N ALA C 22 9.66 13.17 -6.60
CA ALA C 22 10.24 13.53 -5.29
C ALA C 22 11.74 13.22 -5.30
N GLN C 23 12.50 14.00 -4.53
CA GLN C 23 13.91 13.76 -4.28
C GLN C 23 14.14 13.14 -2.88
N PRO C 24 14.74 11.93 -2.86
CA PRO C 24 15.00 11.16 -1.64
C PRO C 24 15.82 11.93 -0.58
N GLY C 25 15.25 12.10 0.61
CA GLY C 25 15.93 12.79 1.69
C GLY C 25 15.75 14.31 1.70
N PHE C 26 15.01 14.84 0.73
CA PHE C 26 14.49 16.23 0.74
C PHE C 26 13.95 16.68 2.12
N ALA C 27 14.57 17.69 2.74
CA ALA C 27 14.15 18.13 4.09
C ALA C 27 13.38 19.44 4.08
N GLY C 28 12.82 19.81 2.94
CA GLY C 28 12.01 21.01 2.89
C GLY C 28 12.59 22.12 2.05
N GLY C 29 11.98 23.29 2.18
CA GLY C 29 12.38 24.43 1.38
C GLY C 29 11.61 25.66 1.79
N THR C 30 11.51 26.64 0.89
CA THR C 30 10.93 27.95 1.27
C THR C 30 9.93 28.47 0.21
N LEU C 31 8.78 28.97 0.67
CA LEU C 31 7.71 29.49 -0.23
C LEU C 31 7.59 31.06 -0.21
N HIS C 32 7.39 31.67 -1.38
CA HIS C 32 7.30 33.12 -1.48
C HIS C 32 6.09 33.56 -2.27
N CYS C 33 5.60 34.77 -2.02
CA CYS C 33 4.49 35.29 -2.79
C CYS C 33 5.00 35.94 -4.08
N LYS C 34 4.08 36.44 -4.89
CA LYS C 34 4.43 36.98 -6.22
C LYS C 34 4.64 38.53 -6.30
N CYS C 35 4.89 39.13 -5.13
CA CYS C 35 5.30 40.53 -5.03
C CYS C 35 6.79 40.73 -5.37
N SER C 36 7.07 41.67 -6.28
CA SER C 36 8.43 42.10 -6.66
C SER C 36 9.12 42.88 -5.52
N THR C 37 8.32 43.42 -4.62
CA THR C 37 8.89 44.21 -3.53
C THR C 37 8.43 43.68 -2.13
N ASN C 38 9.43 43.18 -1.39
CA ASN C 38 9.25 42.57 -0.05
C ASN C 38 8.12 41.53 0.15
N PRO C 39 8.33 40.31 -0.42
CA PRO C 39 7.34 39.23 -0.47
C PRO C 39 7.10 38.47 0.86
N VAL C 40 5.87 37.99 1.07
CA VAL C 40 5.60 36.97 2.11
C VAL C 40 6.52 35.75 1.88
N ARG C 41 7.14 35.28 2.96
CA ARG C 41 8.17 34.24 2.89
C ARG C 41 7.97 33.27 4.10
N VAL C 42 7.74 31.99 3.76
CA VAL C 42 7.31 30.93 4.70
C VAL C 42 8.31 29.76 4.66
N ALA C 43 8.89 29.43 5.81
CA ALA C 43 9.80 28.27 5.89
C ALA C 43 8.99 27.01 6.13
N VAL C 44 9.18 26.03 5.26
CA VAL C 44 8.51 24.75 5.29
C VAL C 44 9.62 23.74 5.45
N ARG C 45 9.89 23.38 6.71
CA ARG C 45 11.10 22.64 7.08
C ARG C 45 10.85 21.14 7.23
N ALA C 46 9.96 20.59 6.41
CA ALA C 46 9.89 19.13 6.20
C ALA C 46 9.43 18.83 4.75
N GLN C 47 9.51 17.57 4.36
CA GLN C 47 8.96 17.14 3.08
C GLN C 47 7.40 17.16 3.20
N THR C 48 6.71 17.57 2.12
CA THR C 48 5.21 17.49 2.04
C THR C 48 4.70 16.03 1.82
N ALA C 49 3.37 15.82 1.94
CA ALA C 49 2.73 14.53 1.64
C ALA C 49 1.44 14.82 0.89
N HIS C 50 0.92 13.84 0.15
CA HIS C 50 -0.42 13.94 -0.56
C HIS C 50 -0.60 15.08 -1.57
N ASN C 51 0.45 15.40 -2.32
CA ASN C 51 0.32 16.38 -3.37
C ASN C 51 -0.64 15.89 -4.48
N HIS C 52 -1.48 16.78 -5.02
CA HIS C 52 -2.46 16.38 -6.02
C HIS C 52 -2.91 17.65 -6.72
N VAL C 53 -3.56 17.53 -7.87
CA VAL C 53 -4.29 18.64 -8.43
C VAL C 53 -5.73 18.63 -7.89
N CYS C 54 -6.33 19.80 -7.79
CA CYS C 54 -7.62 19.95 -7.16
C CYS C 54 -8.52 20.92 -7.95
N GLY C 55 -9.71 20.43 -8.28
CA GLY C 55 -10.69 21.21 -9.04
C GLY C 55 -11.61 22.09 -8.21
N CYS C 56 -11.51 22.00 -6.89
CA CYS C 56 -12.32 22.75 -5.93
C CYS C 56 -12.22 24.28 -6.05
N THR C 57 -13.38 24.98 -6.08
CA THR C 57 -13.42 26.45 -6.35
C THR C 57 -12.70 27.32 -5.31
N LYS C 58 -12.64 26.83 -4.06
CA LYS C 58 -12.20 27.65 -2.92
C LYS C 58 -10.66 27.72 -2.79
N CYS C 59 -9.95 26.79 -3.43
CA CYS C 59 -8.48 26.79 -3.38
C CYS C 59 -7.79 27.37 -4.61
N TRP C 60 -6.63 28.01 -4.33
CA TRP C 60 -5.87 28.86 -5.24
C TRP C 60 -5.13 28.21 -6.44
N LYS C 61 -5.40 28.74 -7.64
CA LYS C 61 -4.82 28.28 -8.93
C LYS C 61 -4.03 29.45 -9.55
N PRO C 62 -2.85 29.17 -10.19
CA PRO C 62 -2.16 30.26 -10.89
C PRO C 62 -3.00 30.81 -12.05
N GLU C 63 -2.72 32.04 -12.48
CA GLU C 63 -3.49 32.68 -13.56
C GLU C 63 -3.62 31.87 -14.87
N GLY C 64 -4.87 31.44 -15.13
CA GLY C 64 -5.24 30.61 -16.25
C GLY C 64 -4.92 29.13 -16.16
N ALA C 65 -4.88 28.57 -14.95
CA ALA C 65 -4.93 27.08 -14.77
C ALA C 65 -6.34 26.66 -14.35
N ILE C 66 -6.85 25.54 -14.89
CA ILE C 66 -8.16 24.97 -14.44
C ILE C 66 -8.09 24.16 -13.11
N PHE C 67 -6.89 23.69 -12.74
CA PHE C 67 -6.62 22.96 -11.49
C PHE C 67 -5.65 23.65 -10.56
N SER C 68 -5.81 23.44 -9.26
CA SER C 68 -4.91 23.91 -8.21
C SER C 68 -3.94 22.76 -7.91
N GLN C 69 -2.67 23.05 -7.59
CA GLN C 69 -1.73 22.02 -7.08
C GLN C 69 -1.52 22.30 -5.61
N VAL C 70 -1.86 21.34 -4.76
CA VAL C 70 -1.90 21.54 -3.30
C VAL C 70 -1.36 20.29 -2.58
N ALA C 71 -0.60 20.49 -1.52
CA ALA C 71 -0.11 19.42 -0.68
C ALA C 71 -0.28 19.80 0.78
N VAL C 72 0.23 18.96 1.66
CA VAL C 72 -0.07 19.06 3.06
C VAL C 72 1.23 18.88 3.83
N VAL C 73 1.43 19.68 4.86
CA VAL C 73 2.56 19.47 5.77
C VAL C 73 2.09 19.53 7.25
N GLY C 74 2.78 18.83 8.15
CA GLY C 74 2.67 19.12 9.59
C GLY C 74 2.77 20.62 9.84
N ARG C 75 1.84 21.15 10.63
CA ARG C 75 1.72 22.57 10.91
C ARG C 75 2.86 23.06 11.81
N ASP C 76 3.59 22.19 12.47
CA ASP C 76 4.77 22.75 13.11
C ASP C 76 6.09 22.66 12.35
N ALA C 77 6.04 22.18 11.11
CA ALA C 77 7.16 22.44 10.19
C ALA C 77 7.05 23.83 9.60
N LEU C 78 5.84 24.37 9.46
CA LEU C 78 5.71 25.72 8.86
C LEU C 78 5.84 26.92 9.79
N GLU C 79 6.41 27.99 9.24
CA GLU C 79 6.79 29.22 9.95
C GLU C 79 6.91 30.45 8.99
N VAL C 80 6.14 31.51 9.26
CA VAL C 80 6.19 32.75 8.46
C VAL C 80 7.46 33.55 8.76
N LEU C 81 8.40 33.55 7.80
CA LEU C 81 9.68 34.24 7.98
C LEU C 81 9.53 35.74 7.76
N GLU C 82 9.21 36.14 6.54
CA GLU C 82 9.01 37.55 6.25
C GLU C 82 7.53 37.80 5.85
N GLY C 83 7.03 39.02 6.03
CA GLY C 83 5.74 39.41 5.46
C GLY C 83 4.47 39.11 6.24
N ALA C 84 4.60 38.72 7.50
CA ALA C 84 3.44 38.44 8.37
C ALA C 84 2.24 39.42 8.21
N GLU C 85 2.41 40.66 8.67
CA GLU C 85 1.48 41.82 8.46
C GLU C 85 0.78 41.92 7.08
N LYS C 86 1.38 41.36 6.04
CA LYS C 86 0.80 41.40 4.69
C LYS C 86 -0.26 40.33 4.46
N LEU C 87 -0.40 39.40 5.41
CA LEU C 87 -1.34 38.27 5.36
C LEU C 87 -2.76 38.57 5.85
N GLU C 88 -3.73 37.85 5.28
CA GLU C 88 -5.15 37.99 5.63
C GLU C 88 -5.95 36.73 5.24
N ILE C 89 -6.98 36.42 6.03
CA ILE C 89 -7.78 35.19 5.86
C ILE C 89 -8.91 35.49 4.92
N VAL C 90 -9.11 34.65 3.91
CA VAL C 90 -10.15 34.81 2.88
C VAL C 90 -11.59 34.58 3.41
N ASN C 91 -11.74 33.68 4.37
CA ASN C 91 -12.99 33.40 5.05
C ASN C 91 -12.72 32.79 6.44
N ALA C 92 -13.02 33.54 7.50
CA ALA C 92 -12.81 33.04 8.87
C ALA C 92 -13.77 31.90 9.23
N GLU C 93 -14.83 31.77 8.41
CA GLU C 93 -15.93 30.84 8.58
C GLU C 93 -15.71 29.50 7.86
N ALA C 94 -14.62 29.43 7.09
CA ALA C 94 -14.35 28.24 6.30
C ALA C 94 -13.63 27.29 7.25
N PRO C 95 -13.87 25.96 7.10
CA PRO C 95 -13.18 25.02 8.01
C PRO C 95 -11.65 24.90 7.72
N ILE C 96 -11.23 25.10 6.47
CA ILE C 96 -9.84 25.48 6.19
C ILE C 96 -9.76 27.00 6.05
N GLN C 97 -9.06 27.67 6.96
CA GLN C 97 -8.77 29.10 6.82
C GLN C 97 -7.55 29.32 5.93
N ARG C 98 -7.82 29.76 4.71
CA ARG C 98 -6.81 30.15 3.75
C ARG C 98 -6.15 31.53 4.05
N HIS C 99 -4.81 31.57 4.08
CA HIS C 99 -4.05 32.78 4.44
C HIS C 99 -3.29 33.38 3.24
N ARG C 100 -3.86 34.45 2.69
CA ARG C 100 -3.32 35.00 1.46
C ARG C 100 -2.71 36.38 1.60
N CYS C 101 -1.85 36.73 0.62
CA CYS C 101 -1.27 38.06 0.54
C CYS C 101 -2.30 39.10 0.14
N ARG C 102 -2.42 40.11 1.00
CA ARG C 102 -3.27 41.26 0.75
C ARG C 102 -3.01 41.87 -0.65
N ASP C 103 -1.77 41.76 -1.15
CA ASP C 103 -1.34 42.53 -2.31
C ASP C 103 -1.37 41.79 -3.63
N CYS C 104 -0.79 40.60 -3.69
CA CYS C 104 -0.89 39.77 -4.90
C CYS C 104 -1.97 38.69 -4.82
N GLY C 105 -2.47 38.41 -3.61
CA GLY C 105 -3.60 37.46 -3.36
C GLY C 105 -3.38 35.95 -3.57
N VAL C 106 -2.10 35.57 -3.74
CA VAL C 106 -1.61 34.19 -3.67
C VAL C 106 -1.83 33.66 -2.24
N HIS C 107 -2.20 32.39 -2.11
CA HIS C 107 -2.42 31.74 -0.84
C HIS C 107 -1.09 31.19 -0.37
N MET C 108 -0.74 31.50 0.88
CA MET C 108 0.52 31.08 1.42
C MET C 108 0.42 29.77 2.27
N TYR C 109 -0.69 29.60 3.03
CA TYR C 109 -1.07 28.32 3.70
C TYR C 109 -2.54 28.20 4.12
N GLY C 110 -3.09 26.99 4.13
CA GLY C 110 -4.47 26.78 4.62
C GLY C 110 -4.44 26.10 5.99
N ARG C 111 -5.19 26.61 6.96
CA ARG C 111 -5.03 26.13 8.32
C ARG C 111 -6.35 25.69 8.96
N ILE C 112 -6.26 24.60 9.70
CA ILE C 112 -7.38 24.01 10.40
C ILE C 112 -7.17 24.39 11.85
N GLU C 113 -8.07 25.25 12.32
CA GLU C 113 -8.13 25.79 13.67
C GLU C 113 -8.92 24.85 14.62
N ASN C 114 -9.92 24.15 14.07
CA ASN C 114 -10.77 23.21 14.81
C ASN C 114 -10.02 21.93 15.13
N ARG C 115 -9.84 21.65 16.40
CA ARG C 115 -9.03 20.54 16.87
C ARG C 115 -9.68 19.14 16.69
N ASP C 116 -10.97 19.13 16.34
CA ASP C 116 -11.68 17.88 16.08
C ASP C 116 -11.84 17.55 14.58
N HIS C 117 -11.19 18.31 13.69
CA HIS C 117 -11.35 18.23 12.22
C HIS C 117 -10.31 17.24 11.72
N PRO C 118 -10.70 16.35 10.76
CA PRO C 118 -9.71 15.31 10.30
C PRO C 118 -8.29 15.78 9.88
N PHE C 119 -8.16 17.04 9.43
CA PHE C 119 -6.87 17.55 8.93
C PHE C 119 -6.14 18.47 9.90
N TYR C 120 -6.66 18.56 11.14
CA TYR C 120 -6.00 19.30 12.21
C TYR C 120 -4.57 18.82 12.38
N GLY C 121 -3.64 19.77 12.57
CA GLY C 121 -2.21 19.49 12.63
C GLY C 121 -1.52 19.58 11.27
N LEU C 122 -2.29 19.70 10.18
CA LEU C 122 -1.73 19.72 8.82
C LEU C 122 -2.06 21.02 8.06
N ASP C 123 -1.03 21.74 7.58
CA ASP C 123 -1.37 22.94 6.76
C ASP C 123 -1.38 22.54 5.33
N PHE C 124 -2.07 23.29 4.50
CA PHE C 124 -2.04 23.07 3.07
C PHE C 124 -1.12 24.11 2.41
N VAL C 125 -0.16 23.66 1.61
CA VAL C 125 0.83 24.55 0.97
C VAL C 125 0.95 24.43 -0.59
N HIS C 126 1.10 25.56 -1.28
CA HIS C 126 1.24 25.46 -2.74
C HIS C 126 2.70 25.36 -3.15
N THR C 127 3.23 24.16 -3.37
CA THR C 127 4.69 23.99 -3.42
C THR C 127 5.34 24.60 -4.68
N GLU C 128 4.53 24.90 -5.69
CA GLU C 128 4.99 25.65 -6.85
C GLU C 128 5.53 27.06 -6.50
N LEU C 129 5.29 27.51 -5.25
CA LEU C 129 5.77 28.81 -4.73
C LEU C 129 7.21 28.70 -4.22
N SER C 130 7.76 27.50 -4.36
CA SER C 130 9.17 27.27 -4.09
C SER C 130 9.94 27.16 -5.40
N ASP C 131 11.15 27.71 -5.41
CA ASP C 131 11.97 27.73 -6.61
C ASP C 131 12.77 26.45 -6.81
N GLU C 132 12.90 25.72 -5.69
CA GLU C 132 13.56 24.43 -5.62
C GLU C 132 12.64 23.22 -5.92
N ASP C 133 13.18 22.25 -6.67
CA ASP C 133 12.50 21.01 -7.03
C ASP C 133 12.75 19.88 -6.02
N GLY C 134 11.85 18.90 -5.95
CA GLY C 134 12.09 17.70 -5.13
C GLY C 134 11.08 17.47 -4.02
N TRP C 135 10.04 18.28 -4.08
CA TRP C 135 8.84 18.18 -3.28
C TRP C 135 8.12 16.88 -3.57
N SER C 136 7.34 16.39 -2.61
CA SER C 136 6.39 15.26 -2.84
C SER C 136 5.62 15.45 -4.15
N ALA C 137 5.66 14.44 -5.01
CA ALA C 137 5.03 14.44 -6.34
C ALA C 137 3.46 14.44 -6.32
N PRO C 138 2.83 15.04 -7.35
CA PRO C 138 1.37 14.95 -7.44
C PRO C 138 0.91 13.52 -7.78
N GLU C 139 -0.18 13.08 -7.18
CA GLU C 139 -0.55 11.66 -7.08
C GLU C 139 -1.91 11.33 -7.71
N PHE C 140 -2.84 12.28 -7.65
CA PHE C 140 -4.17 12.14 -8.22
C PHE C 140 -4.73 13.52 -8.47
N ALA C 141 -5.99 13.54 -8.92
CA ALA C 141 -6.80 14.73 -9.18
C ALA C 141 -8.05 14.66 -8.30
N ALA C 142 -8.30 15.73 -7.55
CA ALA C 142 -9.41 15.82 -6.59
C ALA C 142 -10.48 16.79 -7.05
N PHE C 143 -11.72 16.53 -6.59
CA PHE C 143 -12.89 17.41 -6.82
C PHE C 143 -13.00 17.80 -8.32
N VAL C 144 -12.79 16.82 -9.19
CA VAL C 144 -12.67 17.06 -10.63
C VAL C 144 -13.89 17.73 -11.28
N SER C 145 -15.10 17.30 -10.89
CA SER C 145 -16.37 17.81 -11.45
C SER C 145 -16.71 19.27 -11.10
N SER C 146 -15.97 19.82 -10.14
CA SER C 146 -16.27 21.08 -9.53
C SER C 146 -15.67 22.16 -10.39
N ILE C 147 -14.80 21.77 -11.33
CA ILE C 147 -14.21 22.73 -12.24
C ILE C 147 -15.28 23.36 -13.12
N ILE C 148 -16.32 22.61 -13.51
CA ILE C 148 -17.54 23.17 -14.13
C ILE C 148 -18.13 24.39 -13.39
N GLU C 149 -17.99 24.42 -12.06
CA GLU C 149 -18.51 25.50 -11.21
C GLU C 149 -17.69 26.77 -11.27
N SER C 150 -16.48 26.67 -11.79
CA SER C 150 -15.61 27.83 -12.04
C SER C 150 -15.64 28.27 -13.52
N GLY C 151 -16.54 27.72 -14.33
CA GLY C 151 -16.70 28.12 -15.72
C GLY C 151 -16.42 27.10 -16.81
N VAL C 152 -15.84 25.96 -16.47
CA VAL C 152 -15.47 24.94 -17.44
C VAL C 152 -16.71 24.29 -18.09
N ASP C 153 -16.74 24.29 -19.42
CA ASP C 153 -17.87 23.69 -20.11
C ASP C 153 -17.86 22.17 -19.90
N PRO C 154 -19.02 21.59 -19.57
CA PRO C 154 -19.26 20.13 -19.50
C PRO C 154 -18.72 19.33 -20.68
N SER C 155 -18.80 19.86 -21.91
CA SER C 155 -18.33 19.16 -23.11
C SER C 155 -16.81 18.75 -23.08
N ARG C 156 -16.01 19.59 -22.43
CA ARG C 156 -14.57 19.42 -22.24
C ARG C 156 -14.12 18.26 -21.28
N MET C 157 -15.06 17.68 -20.52
CA MET C 157 -14.71 16.84 -19.37
C MET C 157 -14.20 15.41 -19.68
N GLU C 158 -14.55 14.88 -20.85
CA GLU C 158 -14.04 13.57 -21.34
C GLU C 158 -12.53 13.62 -21.63
N ALA C 159 -12.12 14.75 -22.25
CA ALA C 159 -10.72 15.00 -22.60
C ALA C 159 -9.94 15.37 -21.37
N ILE C 160 -10.56 16.10 -20.44
CA ILE C 160 -9.92 16.48 -19.18
C ILE C 160 -9.54 15.25 -18.29
N ARG C 161 -10.53 14.44 -17.89
CA ARG C 161 -10.37 13.11 -17.27
C ARG C 161 -9.45 12.15 -18.04
N ALA C 162 -9.48 12.14 -19.37
CA ALA C 162 -8.51 11.36 -20.19
C ALA C 162 -7.05 11.86 -20.12
N ARG C 163 -6.84 13.17 -20.27
CA ARG C 163 -5.51 13.78 -20.07
C ARG C 163 -4.89 13.53 -18.67
N LEU C 164 -5.66 13.75 -17.59
CA LEU C 164 -5.19 13.45 -16.23
C LEU C 164 -4.75 11.98 -16.08
N ARG C 165 -5.50 11.05 -16.67
CA ARG C 165 -5.11 9.61 -16.74
C ARG C 165 -3.83 9.31 -17.59
N GLU C 166 -3.53 10.14 -18.59
CA GLU C 166 -2.28 9.91 -19.29
C GLU C 166 -1.14 10.66 -18.62
N LEU C 167 -1.50 11.62 -17.76
CA LEU C 167 -0.53 12.12 -16.78
C LEU C 167 -0.32 11.10 -15.63
N GLY C 168 -1.15 10.06 -15.55
CA GLY C 168 -1.15 9.17 -14.37
C GLY C 168 -1.67 9.76 -13.03
N LEU C 169 -2.63 10.68 -13.13
CA LEU C 169 -3.36 11.28 -11.98
C LEU C 169 -4.83 10.87 -12.02
N GLU C 170 -5.20 9.87 -11.22
CA GLU C 170 -6.54 9.32 -11.30
C GLU C 170 -7.57 10.37 -10.86
N PRO C 171 -8.50 10.69 -11.78
CA PRO C 171 -9.58 11.68 -11.55
C PRO C 171 -10.64 11.26 -10.50
N TYR C 172 -10.85 12.07 -9.46
CA TYR C 172 -11.85 11.75 -8.43
C TYR C 172 -12.68 13.01 -8.26
N ASP C 173 -13.96 12.85 -7.94
CA ASP C 173 -14.86 13.97 -7.67
C ASP C 173 -14.89 14.37 -6.18
N ALA C 174 -14.22 13.56 -5.37
CA ALA C 174 -13.80 13.94 -4.03
C ALA C 174 -12.26 13.88 -3.93
N LEU C 175 -11.75 13.44 -2.81
CA LEU C 175 -10.36 13.05 -2.62
C LEU C 175 -10.16 11.58 -3.06
N SER C 176 -8.92 11.09 -2.96
CA SER C 176 -8.66 9.69 -3.24
C SER C 176 -9.33 8.78 -2.20
N PRO C 177 -9.65 7.53 -2.59
CA PRO C 177 -10.10 6.52 -1.65
C PRO C 177 -9.29 6.40 -0.36
N PRO C 178 -7.94 6.33 -0.38
CA PRO C 178 -7.24 6.37 0.95
C PRO C 178 -7.58 7.57 1.88
N LEU C 179 -7.73 8.76 1.33
CA LEU C 179 -8.04 9.93 2.14
C LEU C 179 -9.52 9.94 2.55
N MET C 180 -10.41 9.65 1.63
CA MET C 180 -11.81 9.62 2.02
C MET C 180 -12.03 8.65 3.20
N ASP C 181 -11.34 7.51 3.15
CA ASP C 181 -11.34 6.47 4.20
C ASP C 181 -10.77 6.92 5.56
N ALA C 182 -9.67 7.68 5.49
CA ALA C 182 -9.09 8.31 6.67
C ALA C 182 -10.03 9.31 7.30
N ILE C 183 -10.71 10.11 6.49
CA ILE C 183 -11.69 11.07 7.01
C ILE C 183 -12.85 10.35 7.71
N ALA C 184 -13.50 9.41 7.01
CA ALA C 184 -14.53 8.52 7.58
C ALA C 184 -14.18 7.74 8.85
N THR C 185 -12.95 7.26 9.00
CA THR C 185 -12.44 6.60 10.22
C THR C 185 -12.31 7.60 11.38
N HIS C 186 -11.76 8.78 11.09
CA HIS C 186 -11.67 9.89 12.00
C HIS C 186 -13.04 10.28 12.53
N ILE C 187 -13.96 10.68 11.65
CA ILE C 187 -15.41 10.84 11.99
C ILE C 187 -16.03 9.71 12.84
N ALA C 188 -15.82 8.46 12.46
CA ALA C 188 -16.39 7.29 13.18
C ALA C 188 -15.87 7.09 14.65
N LYS C 189 -14.55 7.22 14.85
CA LYS C 189 -13.94 7.18 16.15
C LYS C 189 -14.57 8.19 17.07
N ARG C 190 -14.77 9.41 16.54
CA ARG C 190 -15.45 10.51 17.25
C ARG C 190 -16.96 10.33 17.59
N SER C 191 -17.74 9.81 16.65
CA SER C 191 -19.16 9.56 16.87
C SER C 191 -19.37 8.28 17.69
N GLY C 192 -18.36 7.45 17.76
CA GLY C 192 -18.49 6.19 18.50
C GLY C 192 -18.92 4.97 17.68
N ALA C 193 -19.13 5.15 16.35
CA ALA C 193 -19.46 4.05 15.42
C ALA C 193 -18.33 3.03 15.31
N LEU C 194 -17.11 3.51 15.48
CA LEU C 194 -15.94 2.63 15.66
C LEU C 194 -15.38 2.87 17.08
N ALA C 195 -15.22 1.78 17.82
CA ALA C 195 -14.47 1.84 19.07
C ALA C 195 -13.06 2.37 18.75
N ALA C 196 -12.64 3.42 19.48
CA ALA C 196 -11.31 4.06 19.35
C ALA C 196 -10.20 3.28 20.09
N MET D 3 27.77 12.50 6.22
CA MET D 3 28.56 11.44 6.91
C MET D 3 29.50 10.71 5.93
N VAL D 4 28.90 9.98 4.97
CA VAL D 4 29.60 9.03 4.09
C VAL D 4 29.48 9.46 2.62
N ASP D 5 30.62 9.47 1.94
CA ASP D 5 30.77 10.09 0.61
C ASP D 5 30.45 9.14 -0.55
N THR D 6 29.58 9.58 -1.44
CA THR D 6 28.97 8.75 -2.49
C THR D 6 29.48 8.99 -3.92
N SER D 7 30.44 9.89 -4.10
CA SER D 7 30.94 10.25 -5.44
C SER D 7 31.69 9.09 -6.10
N GLY D 8 31.44 8.90 -7.40
CA GLY D 8 32.00 7.78 -8.17
C GLY D 8 31.57 6.37 -7.72
N VAL D 9 30.42 6.25 -7.07
CA VAL D 9 29.83 4.94 -6.78
C VAL D 9 28.82 4.60 -7.88
N LYS D 10 29.07 3.51 -8.59
CA LYS D 10 28.22 3.11 -9.69
C LYS D 10 27.48 1.82 -9.32
N ILE D 11 26.19 1.81 -9.60
CA ILE D 11 25.32 0.65 -9.36
C ILE D 11 24.99 -0.14 -10.62
N HIS D 12 24.31 0.51 -11.57
CA HIS D 12 23.97 -0.08 -12.86
C HIS D 12 23.77 1.13 -13.79
N PRO D 13 24.17 1.02 -15.09
CA PRO D 13 24.03 2.19 -15.96
C PRO D 13 22.61 2.78 -15.91
N ALA D 14 21.58 1.94 -15.96
CA ALA D 14 20.20 2.39 -16.08
C ALA D 14 19.72 3.30 -14.96
N VAL D 15 20.45 3.29 -13.83
CA VAL D 15 20.03 4.02 -12.64
C VAL D 15 21.05 5.04 -12.17
N ASP D 16 22.26 5.05 -12.75
CA ASP D 16 23.31 5.94 -12.22
C ASP D 16 22.97 7.43 -12.37
N ASN D 17 22.05 7.77 -13.28
CA ASN D 17 21.62 9.17 -13.47
C ASN D 17 20.18 9.56 -13.04
N GLY D 18 19.61 8.70 -12.20
CA GLY D 18 18.25 8.83 -11.74
C GLY D 18 17.44 7.70 -12.34
N ILE D 19 16.39 7.32 -11.61
CA ILE D 19 15.53 6.27 -12.08
C ILE D 19 14.50 6.86 -13.10
N LYS D 20 14.19 6.15 -14.17
CA LYS D 20 13.23 6.65 -15.15
C LYS D 20 11.83 6.12 -14.82
N PRO D 21 10.80 6.99 -14.87
CA PRO D 21 9.47 6.64 -14.45
C PRO D 21 8.75 5.78 -15.49
N ALA D 22 7.78 4.99 -15.03
CA ALA D 22 6.88 4.27 -15.94
C ALA D 22 6.06 5.25 -16.79
N GLN D 23 5.64 4.82 -17.97
CA GLN D 23 4.60 5.53 -18.70
C GLN D 23 3.22 4.87 -18.49
N PRO D 24 2.20 5.69 -18.07
CA PRO D 24 0.85 5.19 -17.80
C PRO D 24 0.19 4.69 -19.09
N GLY D 25 -0.34 3.47 -19.09
CA GLY D 25 -0.84 2.85 -20.32
C GLY D 25 0.21 2.21 -21.26
N PHE D 26 1.48 2.19 -20.85
CA PHE D 26 2.51 1.37 -21.51
C PHE D 26 2.03 -0.10 -21.66
N ALA D 27 2.26 -0.71 -22.82
CA ALA D 27 1.71 -2.03 -23.07
C ALA D 27 2.79 -2.95 -23.62
N GLY D 28 4.03 -2.61 -23.31
CA GLY D 28 5.14 -3.49 -23.59
C GLY D 28 6.06 -3.16 -24.75
N GLY D 29 6.81 -4.15 -25.18
CA GLY D 29 7.84 -3.92 -26.18
C GLY D 29 8.60 -5.15 -26.66
N THR D 30 9.83 -4.90 -27.11
CA THR D 30 10.68 -5.95 -27.71
C THR D 30 12.07 -5.87 -27.09
N LEU D 31 12.59 -7.03 -26.72
CA LEU D 31 13.96 -7.17 -26.20
C LEU D 31 14.84 -7.81 -27.28
N HIS D 32 16.07 -7.30 -27.42
CA HIS D 32 17.02 -7.76 -28.44
C HIS D 32 18.33 -8.09 -27.74
N CYS D 33 18.97 -9.20 -28.15
CA CYS D 33 20.31 -9.49 -27.65
C CYS D 33 21.34 -8.54 -28.29
N LYS D 34 22.58 -8.58 -27.77
CA LYS D 34 23.67 -7.73 -28.23
C LYS D 34 24.43 -8.30 -29.47
N CYS D 35 23.77 -9.16 -30.24
CA CYS D 35 24.34 -9.67 -31.49
C CYS D 35 24.23 -8.66 -32.61
N SER D 36 25.33 -8.38 -33.30
CA SER D 36 25.30 -7.66 -34.60
C SER D 36 24.48 -8.27 -35.73
N THR D 37 24.42 -9.60 -35.76
CA THR D 37 23.79 -10.32 -36.87
C THR D 37 22.91 -11.39 -36.22
N ASN D 38 21.69 -11.55 -36.73
CA ASN D 38 20.77 -12.61 -36.26
C ASN D 38 20.45 -12.50 -34.75
N PRO D 39 20.11 -11.29 -34.26
CA PRO D 39 19.95 -11.20 -32.79
C PRO D 39 18.76 -12.00 -32.30
N VAL D 40 18.81 -12.50 -31.08
CA VAL D 40 17.59 -13.00 -30.43
C VAL D 40 16.60 -11.84 -30.18
N ARG D 41 15.38 -11.95 -30.68
CA ARG D 41 14.35 -10.95 -30.42
C ARG D 41 13.17 -11.51 -29.67
N VAL D 42 12.87 -10.92 -28.51
CA VAL D 42 11.76 -11.38 -27.67
C VAL D 42 10.64 -10.32 -27.47
N ALA D 43 9.40 -10.72 -27.74
CA ALA D 43 8.29 -9.81 -27.55
C ALA D 43 7.69 -9.96 -26.14
N VAL D 44 7.61 -8.81 -25.44
CA VAL D 44 7.00 -8.69 -24.12
C VAL D 44 5.76 -7.80 -24.29
N ARG D 45 4.59 -8.40 -24.50
CA ARG D 45 3.41 -7.64 -24.80
C ARG D 45 2.53 -7.33 -23.59
N ALA D 46 3.18 -6.95 -22.49
CA ALA D 46 2.51 -6.35 -21.31
C ALA D 46 3.49 -5.44 -20.54
N GLN D 47 2.96 -4.59 -19.68
CA GLN D 47 3.80 -3.91 -18.69
C GLN D 47 4.46 -4.90 -17.68
N THR D 48 5.67 -4.60 -17.22
CA THR D 48 6.33 -5.38 -16.16
C THR D 48 6.02 -4.90 -14.71
N ALA D 49 6.41 -5.66 -13.70
CA ALA D 49 6.20 -5.24 -12.30
C ALA D 49 7.41 -5.65 -11.53
N HIS D 50 7.60 -5.08 -10.34
CA HIS D 50 8.69 -5.49 -9.41
C HIS D 50 10.09 -5.35 -10.03
N ASN D 51 10.31 -4.22 -10.69
CA ASN D 51 11.60 -3.95 -11.26
C ASN D 51 12.52 -3.51 -10.16
N HIS D 52 13.76 -3.97 -10.18
CA HIS D 52 14.73 -3.74 -9.11
C HIS D 52 16.15 -4.01 -9.59
N VAL D 53 17.13 -3.46 -8.88
CA VAL D 53 18.53 -3.90 -9.04
C VAL D 53 18.85 -5.07 -8.09
N CYS D 54 19.65 -5.98 -8.60
CA CYS D 54 19.88 -7.23 -7.94
C CYS D 54 21.38 -7.58 -7.89
N GLY D 55 21.89 -7.75 -6.67
CA GLY D 55 23.23 -8.23 -6.43
C GLY D 55 23.47 -9.73 -6.42
N CYS D 56 22.45 -10.56 -6.65
CA CYS D 56 22.63 -12.02 -6.82
C CYS D 56 23.75 -12.41 -7.84
N THR D 57 24.47 -13.51 -7.63
CA THR D 57 25.56 -13.90 -8.59
C THR D 57 25.05 -14.48 -9.94
N LYS D 58 23.85 -15.02 -9.94
CA LYS D 58 23.35 -15.81 -11.06
C LYS D 58 22.72 -14.98 -12.18
N CYS D 59 22.31 -13.75 -11.87
CA CYS D 59 21.58 -12.97 -12.88
C CYS D 59 22.43 -11.94 -13.69
N TRP D 60 22.15 -11.85 -14.99
CA TRP D 60 22.90 -11.06 -15.97
C TRP D 60 23.08 -9.56 -15.65
N LYS D 61 24.33 -9.11 -15.73
CA LYS D 61 24.72 -7.70 -15.62
C LYS D 61 25.53 -7.23 -16.86
N PRO D 62 25.36 -5.96 -17.28
CA PRO D 62 26.21 -5.50 -18.38
C PRO D 62 27.68 -5.37 -17.95
N GLU D 63 28.57 -5.25 -18.93
CA GLU D 63 30.00 -4.96 -18.70
C GLU D 63 30.25 -3.85 -17.67
N GLY D 64 30.87 -4.22 -16.56
CA GLY D 64 31.21 -3.23 -15.55
C GLY D 64 30.29 -3.18 -14.35
N ALA D 65 28.97 -3.12 -14.57
CA ALA D 65 28.01 -2.97 -13.45
C ALA D 65 28.16 -3.96 -12.27
N ILE D 66 28.22 -3.48 -11.01
CA ILE D 66 28.24 -4.38 -9.81
C ILE D 66 26.88 -5.05 -9.51
N PHE D 67 25.81 -4.43 -10.03
CA PHE D 67 24.42 -4.87 -9.86
C PHE D 67 23.76 -5.23 -11.20
N SER D 68 22.61 -5.90 -11.10
CA SER D 68 21.78 -6.33 -12.23
C SER D 68 20.47 -5.53 -12.18
N GLN D 69 19.80 -5.31 -13.31
CA GLN D 69 18.43 -4.76 -13.27
C GLN D 69 17.43 -5.76 -13.86
N VAL D 70 16.36 -6.08 -13.14
CA VAL D 70 15.48 -7.20 -13.53
C VAL D 70 14.01 -7.02 -13.06
N ALA D 71 13.07 -7.39 -13.91
CA ALA D 71 11.64 -7.31 -13.58
C ALA D 71 10.97 -8.62 -13.87
N VAL D 72 9.65 -8.62 -13.70
CA VAL D 72 8.84 -9.81 -13.84
C VAL D 72 7.68 -9.49 -14.85
N VAL D 73 7.30 -10.44 -15.68
CA VAL D 73 6.14 -10.25 -16.52
C VAL D 73 5.31 -11.55 -16.48
N GLY D 74 3.99 -11.48 -16.68
CA GLY D 74 3.18 -12.68 -16.94
C GLY D 74 3.78 -13.40 -18.14
N ARG D 75 3.98 -14.70 -18.01
CA ARG D 75 4.73 -15.51 -18.94
C ARG D 75 3.93 -15.71 -20.24
N ASP D 76 2.62 -15.52 -20.17
CA ASP D 76 1.82 -15.65 -21.37
C ASP D 76 1.82 -14.37 -22.19
N ALA D 77 2.67 -13.43 -21.81
CA ALA D 77 2.88 -12.20 -22.53
C ALA D 77 4.29 -12.23 -23.09
N LEU D 78 4.89 -13.41 -23.11
CA LEU D 78 6.26 -13.59 -23.63
C LEU D 78 6.24 -14.51 -24.87
N GLU D 79 6.76 -14.01 -25.98
CA GLU D 79 7.04 -14.83 -27.18
C GLU D 79 8.40 -14.54 -27.84
N VAL D 80 9.23 -15.57 -28.01
CA VAL D 80 10.52 -15.39 -28.69
C VAL D 80 10.27 -15.29 -30.19
N LEU D 81 10.53 -14.11 -30.77
CA LEU D 81 10.27 -13.84 -32.19
C LEU D 81 11.32 -14.37 -33.19
N GLU D 82 12.58 -13.93 -33.08
CA GLU D 82 13.64 -14.34 -34.01
C GLU D 82 14.85 -14.87 -33.22
N GLY D 83 15.51 -15.90 -33.73
CA GLY D 83 16.70 -16.45 -33.07
C GLY D 83 16.52 -17.45 -31.94
N ALA D 84 15.34 -18.06 -31.85
CA ALA D 84 15.01 -19.06 -30.81
C ALA D 84 15.98 -20.25 -30.72
N GLU D 85 16.62 -20.58 -31.83
CA GLU D 85 17.57 -21.70 -31.88
C GLU D 85 18.95 -21.38 -31.27
N LYS D 86 19.26 -20.09 -31.09
CA LYS D 86 20.54 -19.59 -30.53
C LYS D 86 20.54 -19.54 -28.99
N LEU D 87 19.37 -19.81 -28.40
CA LEU D 87 19.19 -19.85 -26.95
C LEU D 87 19.54 -21.20 -26.33
N GLU D 88 20.01 -21.12 -25.09
CA GLU D 88 20.40 -22.26 -24.25
C GLU D 88 20.20 -21.93 -22.75
N ILE D 89 19.98 -22.95 -21.93
CA ILE D 89 19.85 -22.72 -20.49
C ILE D 89 21.24 -22.67 -19.90
N VAL D 90 21.43 -21.72 -18.97
CA VAL D 90 22.69 -21.53 -18.25
C VAL D 90 22.86 -22.66 -17.23
N ASN D 91 21.85 -22.89 -16.38
CA ASN D 91 21.80 -24.05 -15.51
C ASN D 91 20.43 -24.70 -15.54
N ALA D 92 20.36 -25.90 -16.09
CA ALA D 92 19.07 -26.59 -16.20
C ALA D 92 18.51 -27.08 -14.84
N GLU D 93 19.29 -26.85 -13.77
CA GLU D 93 19.00 -27.29 -12.40
C GLU D 93 18.72 -26.16 -11.40
N ALA D 94 18.92 -24.90 -11.79
CA ALA D 94 18.62 -23.78 -10.92
C ALA D 94 17.10 -23.63 -10.97
N PRO D 95 16.43 -23.34 -9.81
CA PRO D 95 14.96 -23.38 -9.85
C PRO D 95 14.35 -22.32 -10.83
N ILE D 96 15.01 -21.17 -10.95
CA ILE D 96 14.75 -20.32 -12.11
C ILE D 96 15.76 -20.59 -13.28
N GLN D 97 15.21 -21.00 -14.42
CA GLN D 97 15.99 -21.42 -15.60
C GLN D 97 16.24 -20.29 -16.58
N ARG D 98 17.50 -19.89 -16.66
CA ARG D 98 17.88 -18.72 -17.42
C ARG D 98 18.19 -19.05 -18.85
N HIS D 99 17.40 -18.51 -19.78
CA HIS D 99 17.63 -18.78 -21.20
C HIS D 99 18.47 -17.67 -21.73
N ARG D 100 19.54 -18.06 -22.41
CA ARG D 100 20.67 -17.18 -22.66
C ARG D 100 21.14 -17.33 -24.11
N CYS D 101 21.57 -16.22 -24.72
CA CYS D 101 22.13 -16.27 -26.08
C CYS D 101 23.47 -16.99 -26.11
N ARG D 102 23.52 -18.08 -26.85
CA ARG D 102 24.73 -18.90 -27.05
C ARG D 102 25.97 -18.08 -27.47
N ASP D 103 25.73 -16.94 -28.12
CA ASP D 103 26.78 -16.14 -28.76
C ASP D 103 27.27 -14.91 -28.01
N CYS D 104 26.37 -13.99 -27.66
CA CYS D 104 26.80 -12.79 -26.91
C CYS D 104 26.58 -12.94 -25.40
N GLY D 105 25.97 -14.09 -25.00
CA GLY D 105 25.79 -14.49 -23.60
C GLY D 105 24.84 -13.66 -22.74
N VAL D 106 24.06 -12.78 -23.38
CA VAL D 106 23.03 -11.95 -22.73
C VAL D 106 21.79 -12.82 -22.41
N HIS D 107 21.21 -12.68 -21.20
CA HIS D 107 20.06 -13.52 -20.78
C HIS D 107 18.75 -12.92 -21.30
N MET D 108 17.95 -13.76 -21.94
CA MET D 108 16.78 -13.20 -22.61
C MET D 108 15.47 -13.30 -21.77
N TYR D 109 15.24 -14.43 -21.11
CA TYR D 109 14.29 -14.53 -19.98
C TYR D 109 14.73 -15.59 -18.96
N GLY D 110 14.28 -15.46 -17.71
CA GLY D 110 14.36 -16.57 -16.73
C GLY D 110 12.98 -17.18 -16.50
N ARG D 111 12.85 -18.49 -16.68
CA ARG D 111 11.54 -19.18 -16.60
C ARG D 111 11.42 -20.19 -15.41
N ILE D 112 10.25 -20.20 -14.79
CA ILE D 112 10.03 -21.14 -13.72
C ILE D 112 9.17 -22.26 -14.29
N GLU D 113 9.75 -23.46 -14.33
CA GLU D 113 9.15 -24.60 -14.99
C GLU D 113 8.27 -25.37 -14.03
N ASN D 114 8.62 -25.30 -12.74
CA ASN D 114 8.00 -26.04 -11.62
C ASN D 114 6.70 -25.40 -11.11
N ARG D 115 5.59 -26.09 -11.33
CA ARG D 115 4.22 -25.60 -11.13
C ARG D 115 3.85 -25.14 -9.66
N ASP D 116 4.70 -25.50 -8.69
CA ASP D 116 4.53 -25.23 -7.26
C ASP D 116 5.42 -24.11 -6.68
N HIS D 117 6.24 -23.52 -7.54
CA HIS D 117 7.19 -22.50 -7.18
C HIS D 117 6.43 -21.17 -7.05
N PRO D 118 6.78 -20.38 -6.02
CA PRO D 118 6.11 -19.09 -5.79
C PRO D 118 6.00 -18.15 -7.03
N PHE D 119 6.97 -18.21 -7.95
CA PHE D 119 7.05 -17.29 -9.10
C PHE D 119 6.66 -17.89 -10.45
N TYR D 120 6.09 -19.10 -10.40
CA TYR D 120 5.53 -19.77 -11.56
C TYR D 120 4.42 -18.91 -12.21
N GLY D 121 4.47 -18.78 -13.54
CA GLY D 121 3.51 -17.97 -14.33
C GLY D 121 4.10 -16.59 -14.58
N LEU D 122 5.37 -16.41 -14.16
CA LEU D 122 6.10 -15.13 -14.18
C LEU D 122 7.55 -15.32 -14.75
N ASP D 123 7.88 -14.64 -15.84
CA ASP D 123 9.27 -14.69 -16.35
C ASP D 123 10.01 -13.47 -15.89
N PHE D 124 11.32 -13.62 -15.75
CA PHE D 124 12.24 -12.59 -15.36
C PHE D 124 12.92 -12.02 -16.60
N VAL D 125 12.75 -10.72 -16.79
CA VAL D 125 13.18 -10.03 -18.03
C VAL D 125 14.03 -8.85 -17.65
N HIS D 126 15.08 -8.60 -18.45
CA HIS D 126 15.95 -7.43 -18.26
C HIS D 126 15.46 -6.35 -19.21
N THR D 127 14.81 -5.32 -18.71
CA THR D 127 14.04 -4.49 -19.67
C THR D 127 14.92 -3.45 -20.33
N GLU D 128 16.13 -3.28 -19.79
CA GLU D 128 17.15 -2.46 -20.42
C GLU D 128 17.52 -3.00 -21.82
N LEU D 129 16.97 -4.17 -22.20
CA LEU D 129 17.34 -4.84 -23.45
C LEU D 129 16.41 -4.35 -24.54
N SER D 130 15.67 -3.32 -24.21
CA SER D 130 14.59 -2.82 -25.03
C SER D 130 14.96 -1.40 -25.32
N ASP D 131 14.74 -0.98 -26.57
CA ASP D 131 14.98 0.39 -27.05
C ASP D 131 13.97 1.45 -26.49
N GLU D 132 12.72 1.03 -26.29
CA GLU D 132 11.61 1.85 -25.75
C GLU D 132 11.74 2.17 -24.24
N ASP D 133 11.37 3.40 -23.86
CA ASP D 133 11.21 3.79 -22.45
C ASP D 133 9.77 3.61 -21.98
N GLY D 134 9.55 3.59 -20.66
CA GLY D 134 8.17 3.51 -20.10
C GLY D 134 7.84 2.23 -19.30
N TRP D 135 8.83 1.36 -19.20
CA TRP D 135 8.77 0.18 -18.36
C TRP D 135 8.65 0.58 -16.90
N SER D 136 8.10 -0.34 -16.08
CA SER D 136 8.10 -0.22 -14.60
C SER D 136 9.43 0.20 -13.99
N ALA D 137 9.39 1.29 -13.23
CA ALA D 137 10.60 1.85 -12.63
C ALA D 137 11.26 0.86 -11.65
N PRO D 138 12.61 0.84 -11.60
CA PRO D 138 13.30 0.11 -10.53
C PRO D 138 12.74 0.57 -9.17
N GLU D 139 12.71 -0.29 -8.15
CA GLU D 139 11.89 -0.03 -6.93
C GLU D 139 12.64 -0.21 -5.65
N PHE D 140 13.66 -1.08 -5.68
CA PHE D 140 14.56 -1.35 -4.54
C PHE D 140 15.84 -2.01 -5.03
N ALA D 141 16.69 -2.39 -4.05
CA ALA D 141 17.90 -3.21 -4.23
C ALA D 141 17.74 -4.55 -3.53
N ALA D 142 17.90 -5.64 -4.31
CA ALA D 142 17.83 -7.03 -3.79
C ALA D 142 19.25 -7.65 -3.68
N PHE D 143 19.45 -8.49 -2.65
CA PHE D 143 20.65 -9.34 -2.46
C PHE D 143 21.89 -8.47 -2.42
N VAL D 144 21.78 -7.38 -1.66
CA VAL D 144 22.86 -6.42 -1.61
C VAL D 144 24.18 -7.06 -1.26
N SER D 145 24.25 -7.87 -0.20
CA SER D 145 25.50 -8.46 0.30
C SER D 145 26.16 -9.53 -0.60
N SER D 146 25.43 -10.13 -1.53
CA SER D 146 25.98 -11.11 -2.44
C SER D 146 26.88 -10.50 -3.50
N ILE D 147 26.99 -9.18 -3.55
CA ILE D 147 27.95 -8.56 -4.46
C ILE D 147 29.39 -8.85 -4.01
N ILE D 148 29.59 -8.87 -2.69
CA ILE D 148 30.81 -9.41 -2.10
C ILE D 148 31.26 -10.76 -2.74
N GLU D 149 30.31 -11.67 -2.98
CA GLU D 149 30.60 -12.96 -3.61
C GLU D 149 31.05 -12.90 -5.07
N SER D 150 30.98 -11.74 -5.72
CA SER D 150 31.60 -11.59 -7.07
C SER D 150 32.80 -10.62 -7.20
N GLY D 151 33.43 -10.33 -6.07
CA GLY D 151 34.67 -9.59 -6.03
C GLY D 151 34.62 -8.24 -5.36
N VAL D 152 33.46 -7.83 -4.85
CA VAL D 152 33.31 -6.50 -4.28
C VAL D 152 33.86 -6.49 -2.87
N ASP D 153 34.72 -5.51 -2.61
CA ASP D 153 35.39 -5.40 -1.34
C ASP D 153 34.44 -4.92 -0.24
N PRO D 154 34.36 -5.72 0.86
CA PRO D 154 33.53 -5.46 2.03
C PRO D 154 33.51 -4.02 2.50
N SER D 155 34.65 -3.33 2.40
CA SER D 155 34.80 -1.94 2.86
C SER D 155 34.06 -0.92 1.98
N ARG D 156 33.70 -1.34 0.75
CA ARG D 156 32.98 -0.45 -0.17
C ARG D 156 31.44 -0.41 0.07
N MET D 157 30.91 -1.19 1.02
CA MET D 157 29.46 -1.40 1.15
C MET D 157 28.71 -0.24 1.81
N GLU D 158 29.27 0.35 2.88
CA GLU D 158 28.71 1.54 3.55
C GLU D 158 28.33 2.62 2.52
N ALA D 159 29.15 2.73 1.47
CA ALA D 159 29.04 3.72 0.41
C ALA D 159 28.01 3.30 -0.60
N ILE D 160 28.00 2.01 -0.97
CA ILE D 160 27.02 1.53 -1.95
C ILE D 160 25.57 1.50 -1.41
N ARG D 161 25.35 1.06 -0.14
CA ARG D 161 24.04 1.16 0.52
C ARG D 161 23.58 2.64 0.63
N ALA D 162 24.51 3.55 0.92
CA ALA D 162 24.18 4.98 0.98
C ALA D 162 23.78 5.50 -0.37
N ARG D 163 24.47 5.02 -1.42
CA ARG D 163 24.17 5.47 -2.78
C ARG D 163 22.81 4.99 -3.27
N LEU D 164 22.50 3.72 -3.06
CA LEU D 164 21.17 3.19 -3.40
C LEU D 164 20.03 3.91 -2.65
N ARG D 165 20.18 4.09 -1.33
CA ARG D 165 19.24 4.92 -0.54
C ARG D 165 19.03 6.35 -1.11
N GLU D 166 20.12 7.01 -1.53
CA GLU D 166 19.97 8.33 -2.12
C GLU D 166 19.36 8.25 -3.54
N LEU D 167 19.43 7.05 -4.14
CA LEU D 167 18.68 6.80 -5.38
C LEU D 167 17.18 6.46 -5.08
N GLY D 168 16.88 6.29 -3.81
CA GLY D 168 15.50 5.91 -3.44
C GLY D 168 15.24 4.44 -3.66
N LEU D 169 16.32 3.65 -3.58
CA LEU D 169 16.36 2.21 -3.91
C LEU D 169 16.83 1.50 -2.70
N GLU D 170 15.89 1.03 -1.88
CA GLU D 170 16.19 0.60 -0.52
C GLU D 170 16.92 -0.77 -0.55
N PRO D 171 18.16 -0.81 0.02
CA PRO D 171 18.99 -2.00 0.10
C PRO D 171 18.43 -3.12 1.00
N TYR D 172 18.30 -4.34 0.45
CA TYR D 172 17.86 -5.50 1.20
C TYR D 172 18.82 -6.62 0.84
N ASP D 173 19.14 -7.47 1.82
CA ASP D 173 19.96 -8.68 1.61
C ASP D 173 19.20 -9.95 1.15
N ALA D 174 17.90 -9.80 0.93
CA ALA D 174 17.10 -10.76 0.20
C ALA D 174 16.24 -9.91 -0.75
N LEU D 175 15.03 -10.35 -1.03
CA LEU D 175 14.01 -9.51 -1.69
C LEU D 175 13.37 -8.52 -0.71
N SER D 176 12.49 -7.66 -1.21
CA SER D 176 11.80 -6.73 -0.33
C SER D 176 10.74 -7.39 0.62
N PRO D 177 10.36 -6.73 1.73
CA PRO D 177 9.28 -7.28 2.54
C PRO D 177 7.99 -7.79 1.88
N PRO D 178 7.25 -6.97 1.04
CA PRO D 178 6.07 -7.52 0.35
C PRO D 178 6.29 -8.79 -0.48
N LEU D 179 7.44 -8.90 -1.15
CA LEU D 179 7.82 -10.07 -1.93
C LEU D 179 8.25 -11.22 -1.05
N MET D 180 9.03 -10.94 -0.03
CA MET D 180 9.37 -12.04 0.91
C MET D 180 8.14 -12.66 1.62
N ASP D 181 7.20 -11.83 2.09
CA ASP D 181 5.84 -12.22 2.64
C ASP D 181 4.90 -12.99 1.66
N ALA D 182 4.81 -12.57 0.38
CA ALA D 182 4.11 -13.35 -0.65
C ALA D 182 4.75 -14.74 -0.83
N ILE D 183 6.06 -14.78 -0.96
CA ILE D 183 6.74 -16.08 -0.95
C ILE D 183 6.34 -16.99 0.26
N ALA D 184 6.56 -16.48 1.49
CA ALA D 184 6.20 -17.20 2.74
C ALA D 184 4.72 -17.64 2.84
N THR D 185 3.79 -16.83 2.31
CA THR D 185 2.33 -17.13 2.29
C THR D 185 2.02 -18.32 1.39
N HIS D 186 2.72 -18.38 0.27
CA HIS D 186 2.57 -19.43 -0.71
C HIS D 186 3.13 -20.75 -0.17
N ILE D 187 4.40 -20.73 0.30
CA ILE D 187 4.90 -21.83 1.12
C ILE D 187 3.90 -22.24 2.21
N ALA D 188 3.40 -21.33 3.04
CA ALA D 188 2.43 -21.68 4.10
C ALA D 188 1.12 -22.32 3.62
N LYS D 189 0.63 -21.95 2.44
CA LYS D 189 -0.66 -22.43 1.96
C LYS D 189 -0.47 -23.85 1.40
N ARG D 190 0.66 -24.05 0.69
CA ARG D 190 1.06 -25.41 0.24
C ARG D 190 1.33 -26.50 1.32
N SER D 191 1.76 -26.06 2.50
CA SER D 191 2.29 -26.95 3.50
C SER D 191 1.20 -27.18 4.52
N GLY D 192 0.18 -26.33 4.50
CA GLY D 192 -0.90 -26.39 5.45
C GLY D 192 -0.74 -25.51 6.68
N ALA D 193 0.35 -24.73 6.75
CA ALA D 193 0.46 -23.80 7.90
C ALA D 193 -0.62 -22.70 7.91
N LEU D 194 -1.10 -22.33 6.74
CA LEU D 194 -2.28 -21.48 6.60
C LEU D 194 -3.32 -22.16 5.70
N ALA D 195 -4.61 -22.00 6.05
CA ALA D 195 -5.78 -22.35 5.18
C ALA D 195 -5.74 -21.90 3.67
N ALA D 196 -6.46 -22.63 2.81
CA ALA D 196 -6.60 -22.37 1.33
C ALA D 196 -5.33 -22.63 0.50
#